data_9DCT
#
_entry.id   9DCT
#
_cell.length_a   67.808
_cell.length_b   69.848
_cell.length_c   253.938
_cell.angle_alpha   90.000
_cell.angle_beta   90.000
_cell.angle_gamma   90.000
#
_symmetry.space_group_name_H-M   'P 21 21 21'
#
loop_
_entity.id
_entity.type
_entity.pdbx_description
1 polymer 'DUF4176 domain-containing protein'
2 non-polymer 'CHLORIDE ION'
#
_entity_poly.entity_id   1
_entity_poly.type   'polypeptide(L)'
_entity_poly.pdbx_seq_one_letter_code
;MGSSHHHHHHSQDPMTEYRPVEIFPEVLSDWPTVNFAVTDDVLELGIFLGERPEALKGVYKLIKLKQKNYEYQSFLGLSI
LFERSDDGQILYTFKEKEVIWEEEEFLLFIGVIDAVFGELYPIGTVVELDLELLDASLQTMLGEAPGALVMLAGRRLPLA
KDFEAYEIDYFGRVWPFGEVANIPPVFVSNMLIKNVIHMGLENEWEDQMKEVLRGSQLELHQLSTAFMTQSDQVAYLTYL
TTPSLRKEELK
;
_entity_poly.pdbx_strand_id   A,B,C,D
#
loop_
_chem_comp.id
_chem_comp.type
_chem_comp.name
_chem_comp.formula
CL non-polymer 'CHLORIDE ION' 'Cl -1'
#
# COMPACT_ATOMS: atom_id res chain seq x y z
N THR A 16 35.15 -7.47 16.75
CA THR A 16 34.15 -8.47 16.39
C THR A 16 33.02 -7.86 15.58
N GLU A 17 33.12 -6.56 15.32
CA GLU A 17 32.10 -5.83 14.60
C GLU A 17 32.33 -5.96 13.10
N TYR A 18 31.58 -5.19 12.31
CA TYR A 18 31.73 -5.21 10.86
C TYR A 18 33.09 -4.65 10.47
N ARG A 19 33.78 -5.36 9.57
CA ARG A 19 35.08 -4.95 9.05
C ARG A 19 34.95 -4.75 7.53
N PRO A 20 34.28 -3.67 7.12
CA PRO A 20 34.04 -3.49 5.67
C PRO A 20 35.31 -3.24 4.87
N VAL A 21 36.32 -2.62 5.48
CA VAL A 21 37.59 -2.42 4.79
C VAL A 21 38.27 -3.75 4.52
N GLU A 22 38.12 -4.71 5.43
CA GLU A 22 38.79 -6.01 5.27
C GLU A 22 38.05 -6.90 4.27
N ILE A 23 36.72 -6.81 4.23
CA ILE A 23 35.95 -7.67 3.34
C ILE A 23 35.86 -7.09 1.92
N PHE A 24 36.09 -5.78 1.76
CA PHE A 24 35.97 -5.14 0.46
C PHE A 24 36.80 -5.81 -0.65
N PRO A 25 38.07 -6.15 -0.44
CA PRO A 25 38.80 -6.85 -1.52
C PRO A 25 38.29 -8.26 -1.76
N GLU A 26 37.75 -8.93 -0.73
CA GLU A 26 37.19 -10.25 -0.92
C GLU A 26 35.88 -10.20 -1.70
N VAL A 27 35.09 -9.15 -1.51
CA VAL A 27 33.83 -9.02 -2.23
C VAL A 27 34.09 -8.81 -3.72
N LEU A 28 35.09 -7.99 -4.06
CA LEU A 28 35.41 -7.74 -5.46
C LEU A 28 35.80 -9.03 -6.17
N SER A 29 36.59 -9.87 -5.52
CA SER A 29 36.90 -11.18 -6.09
C SER A 29 35.64 -12.02 -6.21
N ASP A 30 34.77 -11.95 -5.21
CA ASP A 30 33.53 -12.72 -5.24
C ASP A 30 32.56 -12.16 -6.26
N TRP A 31 32.56 -10.84 -6.45
CA TRP A 31 31.58 -10.17 -7.30
C TRP A 31 31.70 -10.66 -8.74
N PRO A 32 30.67 -11.28 -9.30
CA PRO A 32 30.79 -11.79 -10.68
C PRO A 32 30.74 -10.71 -11.73
N THR A 33 29.94 -9.67 -11.51
CA THR A 33 29.74 -8.63 -12.53
C THR A 33 31.02 -7.86 -12.82
N VAL A 34 32.01 -7.92 -11.94
CA VAL A 34 33.24 -7.16 -12.10
C VAL A 34 33.93 -7.57 -13.39
N ASN A 35 34.14 -6.59 -14.28
CA ASN A 35 34.95 -6.75 -15.48
C ASN A 35 36.12 -5.77 -15.44
N PHE A 36 36.68 -5.57 -14.25
CA PHE A 36 37.64 -4.50 -14.01
C PHE A 36 38.99 -5.06 -13.61
N ALA A 37 40.01 -4.21 -13.66
CA ALA A 37 41.34 -4.60 -13.23
C ALA A 37 41.40 -4.67 -11.71
N VAL A 38 42.03 -5.72 -11.20
CA VAL A 38 42.12 -5.94 -9.76
C VAL A 38 43.39 -5.28 -9.23
N THR A 39 43.59 -4.01 -9.56
CA THR A 39 44.77 -3.29 -9.12
C THR A 39 44.60 -2.80 -7.68
N ASP A 40 45.72 -2.46 -7.05
CA ASP A 40 45.67 -1.93 -5.69
C ASP A 40 45.18 -0.49 -5.66
N ASP A 41 45.41 0.27 -6.73
CA ASP A 41 44.89 1.63 -6.81
C ASP A 41 43.37 1.64 -6.71
N VAL A 42 42.72 0.67 -7.36
CA VAL A 42 41.26 0.58 -7.29
C VAL A 42 40.82 0.18 -5.88
N LEU A 43 41.60 -0.67 -5.21
CA LEU A 43 41.26 -1.08 -3.85
C LEU A 43 41.36 0.10 -2.89
N GLU A 44 42.49 0.80 -2.89
CA GLU A 44 42.69 1.90 -1.95
C GLU A 44 41.77 3.07 -2.26
N LEU A 45 41.39 3.26 -3.53
CA LEU A 45 40.47 4.33 -3.87
C LEU A 45 39.06 4.01 -3.40
N GLY A 46 38.64 2.75 -3.51
CA GLY A 46 37.33 2.36 -3.03
C GLY A 46 37.22 2.46 -1.52
N ILE A 47 38.28 2.07 -0.81
CA ILE A 47 38.30 2.23 0.64
C ILE A 47 38.32 3.71 1.02
N PHE A 48 39.02 4.53 0.21
CA PHE A 48 39.00 5.96 0.44
C PHE A 48 37.60 6.53 0.27
N LEU A 49 36.89 6.09 -0.78
CA LEU A 49 35.50 6.50 -0.98
C LEU A 49 34.54 5.78 -0.03
N GLY A 50 34.93 4.62 0.50
CA GLY A 50 34.05 3.90 1.39
C GLY A 50 33.90 4.57 2.75
N GLU A 51 35.00 5.10 3.28
CA GLU A 51 34.98 5.79 4.56
C GLU A 51 34.57 7.24 4.44
N ARG A 52 34.26 7.72 3.24
CA ARG A 52 33.89 9.12 3.00
C ARG A 52 32.62 9.14 2.17
N PRO A 53 31.44 9.17 2.82
CA PRO A 53 30.19 9.19 2.07
C PRO A 53 30.00 10.45 1.24
N GLU A 54 30.58 11.58 1.66
CA GLU A 54 30.44 12.81 0.89
C GLU A 54 31.17 12.71 -0.45
N ALA A 55 32.21 11.88 -0.53
CA ALA A 55 32.93 11.69 -1.78
C ALA A 55 32.33 10.58 -2.63
N LEU A 56 31.86 9.49 -2.01
CA LEU A 56 31.24 8.42 -2.77
C LEU A 56 29.92 8.87 -3.39
N LYS A 57 29.14 9.67 -2.66
CA LYS A 57 27.88 10.20 -3.16
C LYS A 57 28.07 11.41 -4.08
N GLY A 58 29.18 12.15 -3.92
CA GLY A 58 29.39 13.31 -4.77
C GLY A 58 29.70 12.94 -6.21
N VAL A 59 30.53 11.92 -6.41
CA VAL A 59 30.84 11.48 -7.77
C VAL A 59 29.61 10.83 -8.41
N TYR A 60 28.71 10.27 -7.60
CA TYR A 60 27.47 9.74 -8.14
C TYR A 60 26.61 10.84 -8.75
N LYS A 61 26.60 12.02 -8.12
CA LYS A 61 25.92 13.16 -8.73
C LYS A 61 26.62 13.62 -10.00
N LEU A 62 27.92 13.43 -10.09
CA LEU A 62 28.66 13.82 -11.29
C LEU A 62 28.28 12.94 -12.47
N ILE A 63 27.93 11.67 -12.23
CA ILE A 63 27.61 10.74 -13.31
C ILE A 63 26.11 10.74 -13.60
N LYS A 64 25.28 10.68 -12.57
CA LYS A 64 23.84 10.59 -12.78
C LYS A 64 23.28 11.88 -13.37
N LEU A 65 23.58 13.01 -12.75
CA LEU A 65 23.13 14.29 -13.27
C LEU A 65 23.92 14.76 -14.48
N LYS A 66 24.99 14.04 -14.85
CA LYS A 66 25.83 14.38 -16.00
C LYS A 66 26.40 15.79 -15.87
N GLN A 67 27.26 15.94 -14.86
CA GLN A 67 27.94 17.19 -14.60
C GLN A 67 29.34 17.17 -15.20
N LYS A 68 29.92 18.36 -15.34
CA LYS A 68 31.26 18.48 -15.92
C LYS A 68 32.32 18.01 -14.95
N ASN A 69 32.48 18.72 -13.82
CA ASN A 69 33.53 18.43 -12.86
C ASN A 69 32.94 18.42 -11.46
N TYR A 70 33.71 17.85 -10.53
CA TYR A 70 33.33 17.79 -9.12
C TYR A 70 34.59 17.60 -8.29
N GLU A 71 34.82 18.49 -7.33
CA GLU A 71 36.01 18.44 -6.49
C GLU A 71 35.61 18.18 -5.05
N TYR A 72 36.33 17.27 -4.39
CA TYR A 72 36.09 16.93 -2.99
C TYR A 72 37.12 17.67 -2.15
N GLN A 73 36.79 18.92 -1.83
CA GLN A 73 37.71 19.81 -1.15
C GLN A 73 37.96 19.33 0.28
N SER A 74 39.22 19.06 0.60
CA SER A 74 39.57 18.62 1.96
C SER A 74 41.04 18.94 2.19
N PHE A 75 41.68 18.18 3.07
CA PHE A 75 43.08 18.43 3.37
C PHE A 75 43.95 18.18 2.14
N LEU A 76 45.19 18.69 2.20
CA LEU A 76 46.15 18.48 1.13
C LEU A 76 46.35 16.99 0.87
N GLY A 77 46.12 16.57 -0.36
CA GLY A 77 46.08 15.15 -0.69
C GLY A 77 44.70 14.55 -0.58
N LEU A 78 44.00 14.82 0.53
CA LEU A 78 42.62 14.35 0.67
C LEU A 78 41.71 15.02 -0.35
N SER A 79 42.08 16.22 -0.80
CA SER A 79 41.30 16.90 -1.83
C SER A 79 41.54 16.26 -3.18
N ILE A 80 40.47 15.85 -3.86
CA ILE A 80 40.56 15.16 -5.14
C ILE A 80 39.46 15.69 -6.06
N LEU A 81 39.84 15.95 -7.31
CA LEU A 81 38.91 16.47 -8.32
C LEU A 81 38.51 15.35 -9.27
N PHE A 82 37.23 15.37 -9.67
CA PHE A 82 36.68 14.39 -10.61
C PHE A 82 36.11 15.15 -11.80
N GLU A 83 36.82 15.11 -12.93
CA GLU A 83 36.36 15.73 -14.16
C GLU A 83 35.70 14.70 -15.06
N ARG A 84 34.88 15.19 -15.99
CA ARG A 84 34.13 14.31 -16.88
C ARG A 84 33.74 15.10 -18.13
N SER A 85 33.98 14.50 -19.30
CA SER A 85 33.64 15.12 -20.57
C SER A 85 32.24 14.68 -21.00
N ASP A 86 31.89 14.96 -22.25
CA ASP A 86 30.57 14.61 -22.76
C ASP A 86 30.52 13.23 -23.39
N ASP A 87 31.66 12.67 -23.79
CA ASP A 87 31.68 11.37 -24.45
C ASP A 87 31.76 10.23 -23.43
N GLY A 88 31.27 10.47 -22.22
CA GLY A 88 31.20 9.44 -21.20
C GLY A 88 32.55 8.92 -20.74
N GLN A 89 33.37 9.80 -20.18
CA GLN A 89 34.68 9.41 -19.65
C GLN A 89 34.93 10.17 -18.35
N ILE A 90 35.21 9.43 -17.28
CA ILE A 90 35.54 10.03 -16.00
C ILE A 90 37.04 10.30 -15.97
N LEU A 91 37.44 11.27 -15.15
CA LEU A 91 38.84 11.67 -15.06
C LEU A 91 39.17 12.02 -13.61
N TYR A 92 40.27 11.46 -13.11
CA TYR A 92 40.73 11.75 -11.76
C TYR A 92 42.21 11.43 -11.68
N THR A 93 42.83 11.83 -10.58
CA THR A 93 44.24 11.56 -10.31
C THR A 93 44.38 11.24 -8.83
N PHE A 94 44.91 10.05 -8.53
CA PHE A 94 45.03 9.57 -7.17
C PHE A 94 46.49 9.22 -6.90
N LYS A 95 47.08 9.87 -5.90
CA LYS A 95 48.47 9.64 -5.52
C LYS A 95 49.42 9.99 -6.68
N GLU A 96 49.17 11.13 -7.31
CA GLU A 96 49.95 11.60 -8.46
C GLU A 96 49.97 10.54 -9.57
N LYS A 97 48.81 9.92 -9.80
CA LYS A 97 48.68 8.87 -10.81
C LYS A 97 47.35 9.06 -11.51
N GLU A 98 47.40 9.25 -12.83
CA GLU A 98 46.20 9.54 -13.61
C GLU A 98 45.58 8.23 -14.10
N VAL A 99 44.32 7.99 -13.75
CA VAL A 99 43.56 6.83 -14.18
C VAL A 99 42.22 7.30 -14.72
N ILE A 100 41.79 6.71 -15.84
CA ILE A 100 40.54 7.08 -16.50
C ILE A 100 39.63 5.86 -16.52
N TRP A 101 38.41 6.02 -16.05
CA TRP A 101 37.39 4.98 -16.07
C TRP A 101 36.26 5.36 -17.01
N GLU A 102 35.64 4.36 -17.61
CA GLU A 102 34.44 4.58 -18.40
C GLU A 102 33.24 4.79 -17.48
N GLU A 103 32.21 5.44 -18.02
CA GLU A 103 31.05 5.79 -17.20
C GLU A 103 30.35 4.54 -16.66
N GLU A 104 30.13 3.54 -17.52
CA GLU A 104 29.55 2.29 -17.05
C GLU A 104 30.52 1.50 -16.20
N GLU A 105 31.82 1.63 -16.45
CA GLU A 105 32.80 0.93 -15.62
C GLU A 105 32.92 1.56 -14.24
N PHE A 106 32.70 2.87 -14.14
CA PHE A 106 32.81 3.55 -12.86
C PHE A 106 31.51 3.52 -12.06
N LEU A 107 30.39 3.20 -12.70
CA LEU A 107 29.13 3.10 -11.98
C LEU A 107 29.07 1.85 -11.12
N LEU A 108 29.44 0.70 -11.70
CA LEU A 108 29.44 -0.54 -10.95
C LEU A 108 30.47 -0.52 -9.84
N PHE A 109 31.52 0.29 -9.99
CA PHE A 109 32.56 0.38 -8.97
C PHE A 109 32.00 0.95 -7.67
N ILE A 110 31.31 2.10 -7.74
CA ILE A 110 30.73 2.69 -6.55
C ILE A 110 29.51 1.92 -6.07
N GLY A 111 28.95 1.06 -6.91
CA GLY A 111 27.80 0.26 -6.48
C GLY A 111 28.18 -0.81 -5.48
N VAL A 112 29.34 -1.44 -5.67
CA VAL A 112 29.82 -2.43 -4.72
C VAL A 112 30.27 -1.76 -3.43
N ILE A 113 30.80 -0.54 -3.52
CA ILE A 113 31.21 0.19 -2.32
C ILE A 113 29.99 0.52 -1.46
N ASP A 114 28.89 0.94 -2.08
CA ASP A 114 27.67 1.21 -1.33
C ASP A 114 27.02 -0.08 -0.83
N ALA A 115 27.42 -1.23 -1.35
CA ALA A 115 26.93 -2.51 -0.85
C ALA A 115 27.73 -2.99 0.35
N VAL A 116 28.98 -2.55 0.49
CA VAL A 116 29.84 -2.96 1.61
C VAL A 116 29.83 -1.88 2.68
N PHE A 117 30.21 -0.66 2.30
CA PHE A 117 30.27 0.47 3.22
C PHE A 117 28.93 1.19 3.34
N GLY A 118 27.85 0.61 2.83
CA GLY A 118 26.56 1.27 2.89
C GLY A 118 26.02 1.33 4.29
N GLU A 119 25.21 2.37 4.55
CA GLU A 119 24.63 2.59 5.86
C GLU A 119 23.23 1.98 5.91
N LEU A 120 22.96 1.23 6.98
CA LEU A 120 21.66 0.59 7.19
C LEU A 120 20.94 1.35 8.30
N TYR A 121 19.80 1.95 7.96
CA TYR A 121 19.06 2.72 8.94
C TYR A 121 17.86 1.94 9.46
N PRO A 122 17.52 2.07 10.74
CA PRO A 122 16.35 1.36 11.27
C PRO A 122 15.05 1.93 10.76
N ILE A 123 13.93 1.30 11.14
CA ILE A 123 12.61 1.73 10.71
C ILE A 123 12.21 2.96 11.52
N GLY A 124 11.59 3.93 10.86
CA GLY A 124 11.24 5.19 11.47
C GLY A 124 12.31 6.25 11.40
N THR A 125 13.36 6.03 10.60
CA THR A 125 14.46 6.98 10.46
C THR A 125 14.07 8.05 9.47
N VAL A 126 13.73 9.24 9.98
CA VAL A 126 13.39 10.36 9.12
C VAL A 126 14.65 10.91 8.49
N VAL A 127 14.75 10.83 7.17
CA VAL A 127 15.95 11.26 6.45
C VAL A 127 15.58 12.41 5.52
N GLU A 128 16.57 13.27 5.29
CA GLU A 128 16.45 14.37 4.33
C GLU A 128 17.07 13.93 3.02
N LEU A 129 16.36 14.15 1.92
CA LEU A 129 16.78 13.66 0.62
C LEU A 129 17.36 14.79 -0.23
N ASP A 130 18.18 14.39 -1.19
CA ASP A 130 18.77 15.33 -2.16
C ASP A 130 17.78 15.52 -3.29
N LEU A 131 17.07 16.65 -3.27
CA LEU A 131 15.95 16.86 -4.18
C LEU A 131 16.42 16.99 -5.62
N GLU A 132 17.57 17.64 -5.85
CA GLU A 132 18.03 17.85 -7.21
C GLU A 132 18.44 16.54 -7.89
N LEU A 133 18.86 15.54 -7.10
CA LEU A 133 19.12 14.21 -7.65
C LEU A 133 17.84 13.39 -7.75
N LEU A 134 16.82 13.71 -6.94
CA LEU A 134 15.56 12.99 -7.01
C LEU A 134 14.84 13.23 -8.33
N ASP A 135 14.86 14.46 -8.82
CA ASP A 135 14.15 14.78 -10.07
C ASP A 135 14.62 13.90 -11.22
N ALA A 136 15.91 13.60 -11.28
CA ALA A 136 16.45 12.72 -12.31
C ALA A 136 16.47 11.28 -11.79
N SER A 137 15.27 10.72 -11.66
CA SER A 137 15.10 9.35 -11.21
C SER A 137 13.81 8.76 -11.77
N LEU A 138 13.22 7.81 -11.04
CA LEU A 138 11.90 7.27 -11.36
C LEU A 138 10.77 8.17 -10.89
N GLN A 139 11.01 9.47 -10.78
CA GLN A 139 9.97 10.45 -10.49
C GLN A 139 8.74 10.24 -11.37
N THR A 140 8.87 10.54 -12.66
CA THR A 140 7.92 10.15 -13.69
C THR A 140 6.51 10.54 -13.25
N MET A 141 5.56 9.61 -13.19
CA MET A 141 4.20 9.94 -12.81
C MET A 141 4.09 10.23 -11.32
N LEU A 142 4.91 9.58 -10.49
CA LEU A 142 4.81 9.76 -9.04
C LEU A 142 5.07 11.20 -8.63
N GLY A 143 5.86 11.93 -9.40
CA GLY A 143 6.23 13.27 -9.01
C GLY A 143 7.39 13.27 -8.02
N GLU A 144 7.72 14.47 -7.56
CA GLU A 144 8.80 14.60 -6.60
C GLU A 144 8.40 14.05 -5.23
N ALA A 145 7.26 14.51 -4.70
CA ALA A 145 6.73 14.05 -3.42
C ALA A 145 7.76 14.16 -2.29
N ALA A 148 10.24 16.41 0.59
CA ALA A 148 11.35 16.94 1.38
C ALA A 148 11.81 15.93 2.42
N LEU A 149 11.03 15.78 3.48
CA LEU A 149 11.33 14.84 4.55
C LEU A 149 10.60 13.52 4.31
N VAL A 150 11.35 12.43 4.29
CA VAL A 150 10.81 11.11 4.00
C VAL A 150 11.21 10.17 5.14
N MET A 151 10.24 9.45 5.68
CA MET A 151 10.49 8.45 6.70
C MET A 151 10.69 7.08 6.07
N LEU A 152 11.70 6.35 6.56
CA LEU A 152 11.99 5.01 6.04
C LEU A 152 11.03 4.02 6.66
N ALA A 153 10.08 3.52 5.86
CA ALA A 153 9.12 2.53 6.30
C ALA A 153 9.48 1.12 5.88
N GLY A 154 9.96 0.95 4.65
CA GLY A 154 10.40 -0.35 4.18
C GLY A 154 11.79 -0.27 3.59
N ARG A 155 12.60 -1.29 3.85
CA ARG A 155 13.99 -1.30 3.43
C ARG A 155 14.32 -2.60 2.71
N ARG A 156 15.30 -2.52 1.82
CA ARG A 156 15.80 -3.64 1.01
C ARG A 156 14.64 -4.40 0.36
N LEU A 157 14.04 -3.75 -0.63
CA LEU A 157 12.98 -4.36 -1.39
C LEU A 157 13.55 -4.93 -2.68
N PRO A 158 13.43 -6.24 -2.93
CA PRO A 158 13.92 -6.80 -4.19
C PRO A 158 13.22 -6.16 -5.38
N LEU A 159 14.00 -5.78 -6.38
CA LEU A 159 13.44 -5.06 -7.53
C LEU A 159 12.38 -5.90 -8.23
N ALA A 160 12.79 -7.03 -8.80
CA ALA A 160 11.87 -7.93 -9.49
C ALA A 160 12.64 -9.19 -9.86
N LYS A 161 11.93 -10.13 -10.48
CA LYS A 161 12.57 -11.25 -11.14
C LYS A 161 13.14 -10.79 -12.48
N ASP A 162 14.17 -11.50 -12.95
CA ASP A 162 15.03 -11.12 -14.07
C ASP A 162 15.79 -9.83 -13.79
N PHE A 163 15.61 -9.23 -12.60
CA PHE A 163 16.32 -8.04 -12.14
C PHE A 163 16.76 -8.21 -10.70
N GLU A 164 17.06 -9.45 -10.30
CA GLU A 164 17.38 -9.75 -8.91
C GLU A 164 18.67 -9.06 -8.47
N ALA A 165 19.59 -8.83 -9.40
CA ALA A 165 20.85 -8.18 -9.06
C ALA A 165 20.68 -6.74 -8.58
N TYR A 166 19.48 -6.19 -8.65
CA TYR A 166 19.19 -4.85 -8.18
C TYR A 166 18.22 -4.89 -7.00
N GLU A 167 18.40 -3.94 -6.09
CA GLU A 167 17.54 -3.84 -4.91
C GLU A 167 17.17 -2.38 -4.68
N ILE A 168 16.04 -2.18 -4.00
CA ILE A 168 15.60 -0.86 -3.58
C ILE A 168 16.00 -0.69 -2.12
N ASP A 169 16.90 0.25 -1.85
CA ASP A 169 17.45 0.41 -0.50
C ASP A 169 16.35 0.72 0.51
N TYR A 170 15.53 1.74 0.24
CA TYR A 170 14.50 2.16 1.17
C TYR A 170 13.28 2.63 0.39
N PHE A 171 12.15 2.68 1.08
CA PHE A 171 10.91 3.20 0.53
C PHE A 171 9.99 3.58 1.68
N GLY A 172 9.28 4.68 1.52
CA GLY A 172 8.41 5.15 2.58
C GLY A 172 7.50 6.26 2.11
N ARG A 173 6.91 6.94 3.08
CA ARG A 173 5.97 8.04 2.84
C ARG A 173 6.62 9.37 3.20
N VAL A 174 5.84 10.44 3.05
CA VAL A 174 6.30 11.79 3.35
C VAL A 174 6.00 12.10 4.81
N TRP A 175 6.99 12.62 5.53
CA TRP A 175 6.87 12.97 6.94
C TRP A 175 6.29 14.37 7.08
N PRO A 176 5.40 14.60 8.05
CA PRO A 176 4.84 13.65 9.01
C PRO A 176 3.47 13.12 8.59
N PHE A 177 3.25 12.89 7.30
CA PHE A 177 1.94 12.46 6.83
C PHE A 177 1.73 10.97 7.00
N GLY A 178 2.77 10.18 6.78
CA GLY A 178 2.65 8.74 6.88
C GLY A 178 1.90 8.13 5.71
N GLU A 179 1.43 6.90 5.92
CA GLU A 179 0.70 6.18 4.88
C GLU A 179 -0.66 6.82 4.67
N VAL A 180 -0.76 7.67 3.65
CA VAL A 180 -2.00 8.31 3.26
C VAL A 180 -2.27 8.00 1.80
N ALA A 181 -3.53 7.73 1.47
CA ALA A 181 -3.90 7.45 0.08
C ALA A 181 -3.53 8.61 -0.84
N ASN A 182 -3.62 9.85 -0.34
CA ASN A 182 -3.21 11.00 -1.13
C ASN A 182 -1.70 11.12 -1.22
N ILE A 183 -0.96 10.57 -0.27
CA ILE A 183 0.49 10.65 -0.24
C ILE A 183 1.08 9.56 -1.14
N PRO A 184 1.83 9.93 -2.17
CA PRO A 184 2.49 8.91 -3.00
C PRO A 184 3.79 8.44 -2.37
N PRO A 185 4.02 7.14 -2.31
CA PRO A 185 5.26 6.63 -1.72
C PRO A 185 6.46 6.94 -2.61
N VAL A 186 7.63 7.03 -1.96
CA VAL A 186 8.87 7.37 -2.63
C VAL A 186 9.90 6.30 -2.30
N PHE A 187 10.53 5.74 -3.34
CA PHE A 187 11.62 4.79 -3.17
C PHE A 187 12.93 5.54 -3.00
N VAL A 188 13.68 5.20 -1.95
CA VAL A 188 14.86 5.96 -1.54
C VAL A 188 16.07 5.04 -1.59
N SER A 189 17.11 5.48 -2.30
CA SER A 189 18.40 4.81 -2.24
C SER A 189 19.29 5.50 -1.22
N ASN A 190 20.37 4.82 -0.83
CA ASN A 190 21.34 5.45 0.07
C ASN A 190 22.00 6.65 -0.58
N MET A 191 22.21 6.60 -1.90
CA MET A 191 22.74 7.76 -2.62
C MET A 191 21.78 8.94 -2.60
N LEU A 192 20.49 8.69 -2.39
CA LEU A 192 19.51 9.75 -2.34
C LEU A 192 19.41 10.40 -0.96
N ILE A 193 19.87 9.72 0.08
CA ILE A 193 19.80 10.26 1.43
C ILE A 193 20.84 11.35 1.60
N LYS A 194 20.38 12.57 1.89
CA LYS A 194 21.26 13.72 2.05
C LYS A 194 21.67 13.92 3.51
N ASN A 195 20.69 14.10 4.39
CA ASN A 195 20.94 14.29 5.81
C ASN A 195 19.99 13.42 6.62
N VAL A 196 20.46 12.98 7.79
CA VAL A 196 19.68 12.19 8.71
C VAL A 196 19.15 13.11 9.81
N ILE A 197 17.82 13.19 9.93
CA ILE A 197 17.18 14.08 10.88
C ILE A 197 16.77 13.35 12.15
N HIS A 198 16.20 12.15 12.01
CA HIS A 198 15.74 11.35 13.14
C HIS A 198 16.34 9.95 13.03
N MET A 199 16.17 9.17 14.09
CA MET A 199 16.65 7.80 14.13
C MET A 199 15.61 6.91 14.78
N GLY A 200 15.41 5.72 14.21
CA GLY A 200 14.45 4.78 14.73
C GLY A 200 14.98 3.96 15.89
N LEU A 201 14.14 3.06 16.39
CA LEU A 201 14.51 2.20 17.49
C LEU A 201 15.63 1.24 17.05
N GLU A 202 16.55 0.96 17.98
CA GLU A 202 17.72 0.13 17.69
C GLU A 202 18.01 -0.74 18.91
N ASN A 203 17.40 -1.91 18.97
CA ASN A 203 17.71 -2.90 19.99
C ASN A 203 18.79 -3.83 19.45
N GLU A 204 18.95 -5.02 20.03
CA GLU A 204 19.88 -5.98 19.48
C GLU A 204 19.29 -6.73 18.29
N TRP A 205 17.97 -6.81 18.19
CA TRP A 205 17.35 -7.42 17.02
C TRP A 205 17.56 -6.56 15.78
N GLU A 206 17.47 -5.24 15.94
CA GLU A 206 17.81 -4.34 14.84
C GLU A 206 19.27 -4.54 14.41
N ASP A 207 20.15 -4.78 15.37
CA ASP A 207 21.53 -5.11 15.03
C ASP A 207 21.62 -6.50 14.39
N GLN A 208 20.77 -7.43 14.83
CA GLN A 208 20.71 -8.73 14.17
C GLN A 208 20.12 -8.62 12.78
N MET A 209 19.14 -7.73 12.60
CA MET A 209 18.58 -7.50 11.28
C MET A 209 19.66 -7.01 10.30
N LYS A 210 20.56 -6.15 10.76
CA LYS A 210 21.66 -5.71 9.92
C LYS A 210 22.55 -6.88 9.53
N GLU A 211 22.78 -7.81 10.46
CA GLU A 211 23.51 -9.02 10.12
C GLU A 211 22.73 -9.91 9.17
N VAL A 212 21.40 -9.91 9.29
CA VAL A 212 20.58 -10.71 8.38
C VAL A 212 20.50 -10.05 7.02
N LEU A 213 20.34 -8.72 7.00
CA LEU A 213 20.21 -8.01 5.72
C LEU A 213 21.53 -7.94 4.98
N ARG A 214 22.60 -7.49 5.66
CA ARG A 214 23.90 -7.40 5.01
C ARG A 214 24.43 -8.78 4.62
N GLY A 215 24.14 -9.80 5.43
CA GLY A 215 24.49 -11.16 5.07
C GLY A 215 23.73 -11.70 3.87
N SER A 216 22.71 -10.98 3.40
CA SER A 216 21.92 -11.37 2.25
C SER A 216 22.21 -10.53 1.01
N GLN A 217 22.39 -9.22 1.17
CA GLN A 217 22.66 -8.37 0.01
C GLN A 217 24.02 -8.70 -0.62
N LEU A 218 25.02 -8.95 0.22
CA LEU A 218 26.35 -9.27 -0.31
C LEU A 218 26.45 -10.72 -0.79
N GLU A 219 25.70 -11.63 -0.18
CA GLU A 219 25.74 -13.02 -0.61
C GLU A 219 24.97 -13.23 -1.90
N LEU A 220 23.82 -12.56 -2.04
CA LEU A 220 23.06 -12.61 -3.29
C LEU A 220 23.63 -11.69 -4.36
N HIS A 221 24.64 -10.89 -4.02
CA HIS A 221 25.31 -9.99 -4.97
C HIS A 221 24.32 -9.01 -5.60
N GLN A 222 23.65 -8.25 -4.74
CA GLN A 222 22.68 -7.25 -5.17
C GLN A 222 23.29 -5.86 -5.09
N LEU A 223 22.72 -4.95 -5.89
CA LEU A 223 23.10 -3.55 -5.87
C LEU A 223 21.85 -2.70 -5.71
N SER A 224 22.04 -1.47 -5.26
CA SER A 224 20.94 -0.54 -5.12
C SER A 224 20.39 -0.15 -6.49
N THR A 225 19.11 0.24 -6.52
CA THR A 225 18.49 0.71 -7.75
C THR A 225 19.12 2.00 -8.25
N ALA A 226 19.91 2.69 -7.42
CA ALA A 226 20.62 3.87 -7.86
C ALA A 226 21.75 3.53 -8.84
N PHE A 227 22.18 2.28 -8.88
CA PHE A 227 23.27 1.84 -9.74
C PHE A 227 22.78 1.01 -10.92
N MET A 228 21.53 1.23 -11.34
CA MET A 228 20.99 0.52 -12.49
C MET A 228 21.67 1.01 -13.76
N THR A 229 22.27 0.09 -14.51
CA THR A 229 22.91 0.44 -15.77
C THR A 229 21.87 0.86 -16.80
N GLN A 230 22.32 1.62 -17.80
CA GLN A 230 21.40 2.10 -18.83
C GLN A 230 20.78 0.96 -19.62
N SER A 231 21.53 -0.14 -19.80
CA SER A 231 20.97 -1.30 -20.49
C SER A 231 19.85 -1.95 -19.69
N ASP A 232 19.97 -1.94 -18.36
CA ASP A 232 18.95 -2.50 -17.49
C ASP A 232 17.87 -1.49 -17.13
N GLN A 233 18.14 -0.19 -17.26
CA GLN A 233 17.12 0.82 -16.98
C GLN A 233 16.03 0.78 -18.04
N VAL A 234 16.42 0.77 -19.32
CA VAL A 234 15.42 0.72 -20.39
C VAL A 234 14.77 -0.66 -20.45
N ALA A 235 15.49 -1.71 -20.03
CA ALA A 235 14.91 -3.04 -20.05
C ALA A 235 13.87 -3.22 -18.95
N TYR A 236 14.07 -2.58 -17.80
CA TYR A 236 13.09 -2.68 -16.72
C TYR A 236 11.85 -1.85 -17.02
N LEU A 237 12.00 -0.75 -17.74
CA LEU A 237 10.85 0.08 -18.11
C LEU A 237 9.93 -0.66 -19.07
N THR A 238 10.50 -1.32 -20.08
CA THR A 238 9.68 -2.05 -21.05
C THR A 238 9.00 -3.26 -20.42
N TYR A 239 9.64 -3.88 -19.43
CA TYR A 239 9.03 -5.03 -18.76
C TYR A 239 7.75 -4.63 -18.04
N LEU A 240 7.74 -3.43 -17.43
CA LEU A 240 6.55 -2.97 -16.73
C LEU A 240 5.43 -2.61 -17.71
N THR A 241 5.79 -1.95 -18.81
CA THR A 241 4.78 -1.43 -19.72
C THR A 241 4.28 -2.49 -20.70
N THR A 242 5.19 -3.31 -21.23
CA THR A 242 4.90 -4.15 -22.38
C THR A 242 4.99 -5.63 -22.02
N PRO A 243 4.08 -6.46 -22.56
CA PRO A 243 4.24 -7.92 -22.40
C PRO A 243 5.36 -8.49 -23.25
N SER A 244 6.56 -7.89 -23.15
CA SER A 244 7.66 -8.32 -23.99
C SER A 244 8.16 -9.72 -23.62
N LEU A 245 8.23 -10.00 -22.33
CA LEU A 245 8.70 -11.31 -21.86
C LEU A 245 7.64 -12.38 -22.04
N MET B 15 3.51 -19.94 -25.30
CA MET B 15 4.61 -20.71 -25.85
C MET B 15 4.47 -22.20 -25.55
N THR B 16 4.57 -22.55 -24.27
CA THR B 16 4.48 -23.93 -23.83
C THR B 16 3.13 -24.16 -23.18
N GLU B 17 2.38 -25.14 -23.69
CA GLU B 17 1.09 -25.47 -23.12
C GLU B 17 1.27 -26.24 -21.83
N TYR B 18 0.57 -25.81 -20.78
CA TYR B 18 0.73 -26.40 -19.47
C TYR B 18 -0.08 -27.69 -19.36
N ARG B 19 0.60 -28.78 -18.99
CA ARG B 19 -0.02 -30.08 -18.77
C ARG B 19 0.22 -30.50 -17.33
N PRO B 20 -0.71 -30.18 -16.42
CA PRO B 20 -0.49 -30.55 -15.01
C PRO B 20 -0.48 -32.05 -14.78
N VAL B 21 -1.20 -32.83 -15.60
CA VAL B 21 -1.19 -34.28 -15.44
C VAL B 21 0.14 -34.86 -15.91
N GLU B 22 0.78 -34.23 -16.90
CA GLU B 22 2.06 -34.72 -17.38
C GLU B 22 3.21 -34.36 -16.45
N ILE B 23 3.16 -33.20 -15.80
CA ILE B 23 4.25 -32.76 -14.94
C ILE B 23 4.09 -33.27 -13.50
N PHE B 24 2.90 -33.69 -13.10
CA PHE B 24 2.67 -34.13 -11.73
C PHE B 24 3.58 -35.28 -11.30
N PRO B 25 3.77 -36.36 -12.07
CA PRO B 25 4.60 -37.46 -11.57
C PRO B 25 6.04 -37.07 -11.32
N GLU B 26 6.66 -36.30 -12.22
CA GLU B 26 8.05 -35.93 -12.03
C GLU B 26 8.21 -34.89 -10.92
N VAL B 27 7.25 -33.97 -10.80
CA VAL B 27 7.34 -32.93 -9.78
C VAL B 27 7.17 -33.53 -8.39
N LEU B 28 6.23 -34.47 -8.23
CA LEU B 28 6.01 -35.08 -6.93
C LEU B 28 7.22 -35.89 -6.47
N SER B 29 7.94 -36.51 -7.41
CA SER B 29 9.12 -37.29 -7.06
C SER B 29 10.34 -36.40 -6.80
N ASP B 30 10.47 -35.30 -7.55
CA ASP B 30 11.60 -34.39 -7.36
C ASP B 30 11.44 -33.49 -6.15
N TRP B 31 10.28 -33.51 -5.49
CA TRP B 31 10.06 -32.66 -4.33
C TRP B 31 10.95 -33.13 -3.18
N PRO B 32 11.78 -32.24 -2.61
CA PRO B 32 12.72 -32.71 -1.57
C PRO B 32 12.04 -33.13 -0.29
N THR B 33 10.99 -32.42 0.14
CA THR B 33 10.29 -32.80 1.36
C THR B 33 9.48 -34.07 1.20
N VAL B 34 9.22 -34.50 -0.03
CA VAL B 34 8.48 -35.73 -0.29
C VAL B 34 9.44 -36.90 -0.12
N ASN B 35 9.23 -37.70 0.92
CA ASN B 35 10.05 -38.87 1.20
C ASN B 35 9.16 -40.03 1.60
N PHE B 36 7.98 -40.12 0.98
CA PHE B 36 7.01 -41.15 1.35
C PHE B 36 6.60 -41.91 0.10
N ALA B 37 5.49 -42.65 0.20
CA ALA B 37 5.08 -43.54 -0.88
C ALA B 37 4.73 -42.76 -2.15
N VAL B 38 5.26 -43.23 -3.28
CA VAL B 38 4.96 -42.65 -4.58
C VAL B 38 4.50 -43.75 -5.52
N THR B 39 3.56 -44.56 -5.06
CA THR B 39 3.05 -45.67 -5.86
C THR B 39 2.29 -45.13 -7.07
N ASP B 40 2.01 -46.03 -8.02
CA ASP B 40 1.23 -45.66 -9.19
C ASP B 40 -0.18 -45.20 -8.78
N ASP B 41 -0.78 -45.88 -7.81
CA ASP B 41 -2.08 -45.46 -7.31
C ASP B 41 -2.01 -44.07 -6.68
N VAL B 42 -0.91 -43.75 -6.01
CA VAL B 42 -0.73 -42.42 -5.44
C VAL B 42 -0.79 -41.36 -6.53
N LEU B 43 -0.06 -41.58 -7.61
CA LEU B 43 -0.10 -40.65 -8.73
C LEU B 43 -1.47 -40.66 -9.40
N GLU B 44 -2.07 -41.85 -9.56
CA GLU B 44 -3.42 -41.93 -10.10
C GLU B 44 -4.42 -41.18 -9.24
N LEU B 45 -4.14 -41.05 -7.94
CA LEU B 45 -5.02 -40.29 -7.06
C LEU B 45 -4.76 -38.79 -7.16
N GLY B 46 -3.53 -38.39 -7.50
CA GLY B 46 -3.23 -36.97 -7.65
C GLY B 46 -3.89 -36.38 -8.88
N ILE B 47 -3.81 -37.08 -10.02
CA ILE B 47 -4.47 -36.61 -11.22
C ILE B 47 -5.98 -36.68 -11.09
N PHE B 48 -6.49 -37.51 -10.19
CA PHE B 48 -7.92 -37.56 -9.92
C PHE B 48 -8.38 -36.35 -9.10
N LEU B 49 -7.63 -36.03 -8.05
CA LEU B 49 -7.95 -34.87 -7.22
C LEU B 49 -7.59 -33.56 -7.91
N GLY B 50 -6.66 -33.59 -8.87
CA GLY B 50 -6.27 -32.36 -9.54
C GLY B 50 -7.34 -31.85 -10.49
N GLU B 51 -7.85 -32.73 -11.35
CA GLU B 51 -8.91 -32.34 -12.28
C GLU B 51 -10.26 -32.17 -11.60
N ARG B 52 -10.38 -32.50 -10.32
CA ARG B 52 -11.62 -32.36 -9.55
C ARG B 52 -11.30 -31.52 -8.33
N PRO B 53 -11.29 -30.19 -8.46
CA PRO B 53 -10.95 -29.33 -7.32
C PRO B 53 -11.95 -29.41 -6.17
N GLU B 54 -13.17 -29.88 -6.42
CA GLU B 54 -14.14 -29.98 -5.34
C GLU B 54 -13.74 -31.02 -4.31
N ALA B 55 -12.94 -32.01 -4.71
CA ALA B 55 -12.45 -33.02 -3.78
C ALA B 55 -11.11 -32.64 -3.16
N LEU B 56 -10.26 -31.92 -3.89
CA LEU B 56 -8.98 -31.49 -3.33
C LEU B 56 -9.19 -30.52 -2.18
N LYS B 57 -10.19 -29.64 -2.28
CA LYS B 57 -10.49 -28.72 -1.20
C LYS B 57 -11.35 -29.36 -0.11
N GLY B 58 -12.11 -30.40 -0.43
CA GLY B 58 -12.93 -31.05 0.57
C GLY B 58 -12.11 -31.83 1.57
N VAL B 59 -11.10 -32.57 1.09
CA VAL B 59 -10.22 -33.30 1.99
C VAL B 59 -9.34 -32.32 2.77
N TYR B 60 -9.05 -31.15 2.19
CA TYR B 60 -8.35 -30.12 2.95
C TYR B 60 -9.17 -29.66 4.15
N LYS B 61 -10.49 -29.51 3.96
CA LYS B 61 -11.36 -29.19 5.09
C LYS B 61 -11.47 -30.37 6.05
N LEU B 62 -11.30 -31.59 5.56
CA LEU B 62 -11.30 -32.76 6.43
C LEU B 62 -10.13 -32.71 7.40
N ILE B 63 -8.97 -32.22 6.95
CA ILE B 63 -7.77 -32.26 7.78
C ILE B 63 -7.70 -31.04 8.68
N LYS B 64 -7.86 -29.85 8.11
CA LYS B 64 -7.70 -28.62 8.88
C LYS B 64 -8.80 -28.45 9.92
N LEU B 65 -10.04 -28.75 9.55
CA LEU B 65 -11.17 -28.60 10.47
C LEU B 65 -11.38 -29.85 11.32
N LYS B 66 -10.52 -30.85 11.21
CA LYS B 66 -10.58 -32.07 12.03
C LYS B 66 -11.94 -32.76 11.87
N GLN B 67 -12.38 -32.90 10.62
CA GLN B 67 -13.66 -33.54 10.35
C GLN B 67 -13.56 -35.05 10.56
N LYS B 68 -14.72 -35.68 10.71
CA LYS B 68 -14.76 -37.12 10.93
C LYS B 68 -14.49 -37.89 9.65
N ASN B 69 -15.21 -37.56 8.58
CA ASN B 69 -15.03 -38.23 7.30
C ASN B 69 -15.44 -37.29 6.18
N TYR B 70 -15.23 -37.72 4.95
CA TYR B 70 -15.57 -36.92 3.77
C TYR B 70 -15.68 -37.84 2.57
N GLU B 71 -16.77 -37.72 1.82
CA GLU B 71 -17.01 -38.53 0.64
C GLU B 71 -17.33 -37.63 -0.55
N TYR B 72 -16.91 -38.07 -1.73
CA TYR B 72 -17.10 -37.30 -2.96
C TYR B 72 -17.43 -38.25 -4.10
N GLN B 73 -18.48 -37.92 -4.86
CA GLN B 73 -18.86 -38.66 -6.04
C GLN B 73 -18.56 -37.84 -7.29
N SER B 74 -17.96 -38.49 -8.30
CA SER B 74 -17.70 -37.83 -9.56
C SER B 74 -19.00 -37.61 -10.32
N PHE B 75 -18.89 -36.98 -11.50
CA PHE B 75 -20.06 -36.76 -12.33
C PHE B 75 -20.66 -38.08 -12.81
N LEU B 76 -19.83 -39.12 -12.93
CA LEU B 76 -20.30 -40.43 -13.35
C LEU B 76 -20.65 -41.34 -12.18
N GLY B 77 -20.35 -40.93 -10.95
CA GLY B 77 -20.67 -41.71 -9.78
C GLY B 77 -19.50 -42.34 -9.05
N LEU B 78 -18.28 -41.97 -9.41
CA LEU B 78 -17.08 -42.53 -8.77
C LEU B 78 -16.99 -41.99 -7.34
N SER B 79 -17.28 -42.85 -6.36
CA SER B 79 -17.35 -42.46 -4.96
C SER B 79 -16.08 -42.88 -4.24
N ILE B 80 -15.48 -41.94 -3.49
CA ILE B 80 -14.32 -42.20 -2.66
C ILE B 80 -14.57 -41.57 -1.30
N LEU B 81 -14.37 -42.35 -0.24
CA LEU B 81 -14.61 -41.90 1.13
C LEU B 81 -13.28 -41.72 1.84
N PHE B 82 -13.05 -40.52 2.38
CA PHE B 82 -11.84 -40.21 3.14
C PHE B 82 -12.22 -40.06 4.60
N GLU B 83 -11.76 -40.99 5.43
CA GLU B 83 -11.96 -40.93 6.87
C GLU B 83 -10.71 -40.44 7.57
N ARG B 84 -10.89 -39.62 8.60
CA ARG B 84 -9.80 -39.06 9.38
C ARG B 84 -9.78 -39.77 10.73
N SER B 85 -8.79 -40.64 10.93
CA SER B 85 -8.68 -41.36 12.17
C SER B 85 -8.24 -40.42 13.30
N ASP B 86 -8.68 -40.74 14.52
CA ASP B 86 -8.23 -39.99 15.68
C ASP B 86 -6.73 -40.15 15.92
N ASP B 87 -6.12 -41.18 15.36
CA ASP B 87 -4.68 -41.38 15.47
C ASP B 87 -3.87 -40.52 14.50
N GLY B 88 -4.54 -39.62 13.76
CA GLY B 88 -3.84 -38.81 12.79
C GLY B 88 -3.49 -39.51 11.51
N GLN B 89 -4.32 -40.45 11.05
CA GLN B 89 -4.12 -41.15 9.80
C GLN B 89 -5.31 -40.93 8.88
N ILE B 90 -5.02 -40.67 7.61
CA ILE B 90 -6.06 -40.47 6.60
C ILE B 90 -6.47 -41.84 6.06
N LEU B 91 -7.66 -42.29 6.46
CA LEU B 91 -8.17 -43.58 6.03
C LEU B 91 -9.06 -43.41 4.80
N TYR B 92 -8.79 -44.20 3.77
CA TYR B 92 -9.60 -44.16 2.56
C TYR B 92 -9.38 -45.44 1.77
N THR B 93 -10.36 -45.79 0.94
CA THR B 93 -10.32 -46.96 0.10
C THR B 93 -10.46 -46.51 -1.35
N PHE B 94 -9.41 -46.74 -2.15
CA PHE B 94 -9.39 -46.32 -3.55
C PHE B 94 -8.87 -47.47 -4.41
N LYS B 95 -9.58 -47.74 -5.51
CA LYS B 95 -9.21 -48.79 -6.46
C LYS B 95 -9.11 -50.15 -5.76
N GLU B 96 -10.17 -50.50 -5.03
CA GLU B 96 -10.30 -51.80 -4.36
C GLU B 96 -9.17 -52.05 -3.37
N LYS B 97 -8.49 -50.99 -2.90
CA LYS B 97 -7.34 -51.12 -2.03
C LYS B 97 -7.39 -50.04 -0.96
N GLU B 98 -7.23 -50.44 0.30
CA GLU B 98 -7.25 -49.51 1.42
C GLU B 98 -5.83 -49.02 1.69
N VAL B 99 -5.67 -47.70 1.81
CA VAL B 99 -4.38 -47.08 2.02
C VAL B 99 -4.47 -46.17 3.24
N ILE B 100 -3.48 -46.26 4.13
CA ILE B 100 -3.37 -45.38 5.28
C ILE B 100 -2.37 -44.28 4.96
N TRP B 101 -2.67 -43.07 5.42
CA TRP B 101 -1.81 -41.91 5.14
C TRP B 101 -1.63 -41.12 6.42
N GLU B 102 -0.39 -40.95 6.85
CA GLU B 102 -0.10 -40.11 8.00
C GLU B 102 -0.52 -38.68 7.70
N GLU B 103 -1.21 -38.05 8.66
CA GLU B 103 -1.78 -36.73 8.43
C GLU B 103 -0.69 -35.69 8.18
N GLU B 104 0.46 -35.82 8.83
CA GLU B 104 1.56 -34.89 8.60
C GLU B 104 2.21 -35.09 7.23
N GLU B 105 1.98 -36.25 6.60
CA GLU B 105 2.48 -36.51 5.26
C GLU B 105 1.42 -36.35 4.19
N PHE B 106 0.15 -36.62 4.50
CA PHE B 106 -0.90 -36.50 3.49
C PHE B 106 -1.20 -35.04 3.18
N LEU B 107 -1.02 -34.13 4.15
CA LEU B 107 -1.21 -32.72 3.88
C LEU B 107 -0.18 -32.20 2.89
N LEU B 108 1.05 -32.74 2.94
CA LEU B 108 2.06 -32.35 1.96
C LEU B 108 1.73 -32.92 0.58
N PHE B 109 1.08 -34.08 0.53
CA PHE B 109 0.71 -34.67 -0.76
C PHE B 109 -0.30 -33.80 -1.50
N ILE B 110 -1.35 -33.35 -0.82
CA ILE B 110 -2.34 -32.48 -1.44
C ILE B 110 -1.82 -31.08 -1.68
N GLY B 111 -0.69 -30.71 -1.07
CA GLY B 111 -0.12 -29.41 -1.34
C GLY B 111 0.56 -29.34 -2.69
N VAL B 112 1.23 -30.41 -3.09
CA VAL B 112 1.85 -30.46 -4.41
C VAL B 112 0.78 -30.48 -5.50
N ILE B 113 -0.38 -31.06 -5.20
CA ILE B 113 -1.48 -31.09 -6.17
C ILE B 113 -1.97 -29.68 -6.44
N ASP B 114 -2.14 -28.88 -5.39
CA ASP B 114 -2.57 -27.49 -5.58
C ASP B 114 -1.48 -26.65 -6.22
N ALA B 115 -0.22 -27.02 -6.02
CA ALA B 115 0.88 -26.29 -6.66
C ALA B 115 1.00 -26.60 -8.14
N VAL B 116 0.39 -27.69 -8.60
CA VAL B 116 0.45 -28.10 -10.00
C VAL B 116 -0.89 -27.91 -10.70
N PHE B 117 -1.98 -28.33 -10.05
CA PHE B 117 -3.32 -28.25 -10.64
C PHE B 117 -4.10 -27.02 -10.19
N GLY B 118 -3.56 -26.22 -9.28
CA GLY B 118 -4.30 -25.09 -8.77
C GLY B 118 -4.49 -24.00 -9.81
N GLU B 119 -5.61 -23.30 -9.70
CA GLU B 119 -5.91 -22.21 -10.62
C GLU B 119 -5.08 -20.98 -10.27
N LEU B 120 -4.91 -20.09 -11.26
CA LEU B 120 -4.13 -18.86 -11.12
C LEU B 120 -4.98 -17.72 -11.66
N TYR B 121 -5.85 -17.20 -10.81
CA TYR B 121 -6.79 -16.17 -11.22
C TYR B 121 -6.07 -14.84 -11.45
N PRO B 122 -6.53 -14.04 -12.42
CA PRO B 122 -5.87 -12.77 -12.70
C PRO B 122 -6.16 -11.73 -11.64
N ILE B 123 -5.49 -10.58 -11.79
CA ILE B 123 -5.68 -9.46 -10.87
C ILE B 123 -7.05 -8.84 -11.08
N GLY B 124 -7.74 -8.54 -9.98
CA GLY B 124 -9.07 -8.00 -10.04
C GLY B 124 -10.18 -9.01 -10.05
N THR B 125 -9.88 -10.28 -9.78
CA THR B 125 -10.87 -11.34 -9.80
C THR B 125 -11.66 -11.32 -8.50
N VAL B 126 -12.91 -10.85 -8.57
CA VAL B 126 -13.79 -10.81 -7.40
C VAL B 126 -14.29 -12.22 -7.13
N VAL B 127 -13.91 -12.79 -5.99
CA VAL B 127 -14.24 -14.16 -5.64
C VAL B 127 -14.96 -14.19 -4.30
N GLU B 128 -15.55 -15.35 -4.00
CA GLU B 128 -16.17 -15.61 -2.71
C GLU B 128 -15.34 -16.63 -1.96
N LEU B 129 -15.16 -16.41 -0.66
CA LEU B 129 -14.32 -17.25 0.17
C LEU B 129 -15.16 -18.24 0.97
N ASP B 130 -14.52 -19.34 1.35
CA ASP B 130 -15.16 -20.35 2.19
C ASP B 130 -15.16 -19.85 3.63
N LEU B 131 -16.32 -19.37 4.09
CA LEU B 131 -16.41 -18.81 5.43
C LEU B 131 -16.24 -19.85 6.52
N GLU B 132 -16.37 -21.13 6.19
CA GLU B 132 -16.24 -22.19 7.20
C GLU B 132 -14.80 -22.33 7.64
N LEU B 133 -13.85 -22.28 6.70
CA LEU B 133 -12.45 -22.48 7.05
C LEU B 133 -11.86 -21.28 7.77
N LEU B 134 -12.22 -20.07 7.35
CA LEU B 134 -11.49 -18.87 7.73
C LEU B 134 -12.17 -18.17 8.91
N ASP B 135 -11.97 -18.75 10.10
CA ASP B 135 -12.33 -18.15 11.38
C ASP B 135 -13.65 -17.37 11.33
N ALA B 136 -14.78 -18.09 11.28
CA ALA B 136 -16.04 -17.48 10.90
C ALA B 136 -16.40 -16.28 11.77
N SER B 137 -16.40 -16.46 13.10
CA SER B 137 -16.82 -15.38 13.99
C SER B 137 -15.74 -14.31 14.15
N LEU B 138 -14.46 -14.67 13.98
CA LEU B 138 -13.42 -13.66 13.91
C LEU B 138 -13.68 -12.71 12.74
N GLN B 139 -14.25 -13.22 11.66
CA GLN B 139 -14.63 -12.40 10.53
C GLN B 139 -16.03 -11.81 10.73
N GLU B 144 -23.20 -11.55 7.41
CA GLU B 144 -22.02 -12.37 7.68
C GLU B 144 -22.24 -13.77 7.14
N ALA B 145 -23.50 -14.15 6.93
CA ALA B 145 -23.77 -15.52 6.52
C ALA B 145 -23.30 -15.80 5.09
N PRO B 146 -23.56 -14.95 4.08
CA PRO B 146 -23.10 -15.30 2.72
C PRO B 146 -21.64 -14.95 2.48
N GLY B 147 -21.16 -13.92 3.17
CA GLY B 147 -19.78 -13.49 3.06
C GLY B 147 -19.60 -12.29 2.16
N ALA B 148 -18.66 -11.42 2.53
CA ALA B 148 -18.31 -10.28 1.70
C ALA B 148 -17.33 -10.70 0.62
N LEU B 149 -17.48 -10.14 -0.57
CA LEU B 149 -16.66 -10.52 -1.70
C LEU B 149 -15.26 -9.94 -1.59
N VAL B 150 -14.28 -10.71 -2.03
CA VAL B 150 -12.87 -10.33 -1.96
C VAL B 150 -12.33 -10.24 -3.39
N MET B 151 -11.79 -9.08 -3.75
CA MET B 151 -11.17 -8.89 -5.05
C MET B 151 -9.69 -9.19 -4.95
N LEU B 152 -9.23 -10.20 -5.68
CA LEU B 152 -7.83 -10.62 -5.65
C LEU B 152 -6.98 -9.51 -6.28
N ALA B 153 -6.30 -8.73 -5.44
CA ALA B 153 -5.47 -7.62 -5.91
C ALA B 153 -3.98 -7.94 -5.91
N GLY B 154 -3.57 -9.06 -5.32
CA GLY B 154 -2.17 -9.44 -5.34
C GLY B 154 -2.03 -10.95 -5.47
N ARG B 155 -0.83 -11.37 -5.85
CA ARG B 155 -0.56 -12.77 -6.12
C ARG B 155 0.86 -13.11 -5.72
N ARG B 156 1.04 -14.37 -5.26
CA ARG B 156 2.34 -15.00 -5.12
C ARG B 156 3.26 -14.18 -4.22
N LEU B 157 2.83 -14.01 -2.97
CA LEU B 157 3.53 -13.14 -2.04
C LEU B 157 4.42 -13.97 -1.13
N PRO B 158 5.73 -13.71 -1.08
CA PRO B 158 6.60 -14.49 -0.20
C PRO B 158 6.38 -14.13 1.26
N LEU B 159 6.62 -15.12 2.13
CA LEU B 159 6.49 -14.90 3.56
C LEU B 159 7.66 -14.07 4.09
N ALA B 160 8.84 -14.66 4.14
CA ALA B 160 10.04 -13.98 4.61
C ALA B 160 11.25 -14.82 4.24
N LYS B 161 12.43 -14.30 4.54
CA LYS B 161 13.65 -15.08 4.38
C LYS B 161 13.64 -16.27 5.33
N ASP B 162 14.31 -17.34 4.91
CA ASP B 162 14.32 -18.64 5.60
C ASP B 162 12.94 -19.27 5.68
N PHE B 163 11.95 -18.71 4.97
CA PHE B 163 10.59 -19.24 4.92
C PHE B 163 10.07 -19.26 3.49
N GLU B 164 10.96 -19.43 2.51
CA GLU B 164 10.57 -19.49 1.11
C GLU B 164 9.81 -20.76 0.75
N ALA B 165 9.67 -21.70 1.68
CA ALA B 165 8.93 -22.93 1.43
C ALA B 165 7.43 -22.74 1.43
N TYR B 166 6.94 -21.54 1.74
CA TYR B 166 5.51 -21.26 1.75
C TYR B 166 5.26 -19.91 1.09
N GLU B 167 4.06 -19.77 0.51
CA GLU B 167 3.70 -18.58 -0.24
C GLU B 167 2.25 -18.23 0.02
N ILE B 168 1.96 -16.93 -0.04
CA ILE B 168 0.59 -16.44 0.01
C ILE B 168 0.04 -16.43 -1.40
N ASP B 169 -1.01 -17.22 -1.65
CA ASP B 169 -1.53 -17.37 -3.00
C ASP B 169 -2.09 -16.05 -3.52
N TYR B 170 -3.01 -15.45 -2.77
CA TYR B 170 -3.68 -14.23 -3.22
C TYR B 170 -3.74 -13.21 -2.08
N PHE B 171 -3.67 -11.94 -2.47
CA PHE B 171 -3.70 -10.81 -1.55
C PHE B 171 -4.93 -9.97 -1.91
N GLY B 172 -5.95 -10.02 -1.06
CA GLY B 172 -7.26 -9.50 -1.43
C GLY B 172 -7.74 -8.33 -0.60
N ARG B 173 -8.36 -7.36 -1.28
CA ARG B 173 -9.14 -6.33 -0.62
C ARG B 173 -10.61 -6.75 -0.57
N VAL B 174 -11.38 -6.01 0.20
CA VAL B 174 -12.80 -6.31 0.38
C VAL B 174 -13.59 -5.55 -0.67
N TRP B 175 -14.28 -6.28 -1.54
CA TRP B 175 -15.11 -5.64 -2.55
C TRP B 175 -16.31 -4.99 -1.88
N PRO B 176 -16.71 -3.79 -2.34
CA PRO B 176 -16.12 -2.96 -3.38
C PRO B 176 -15.32 -1.81 -2.78
N PHE B 177 -14.97 -1.94 -1.50
CA PHE B 177 -14.39 -0.82 -0.78
C PHE B 177 -12.99 -0.49 -1.29
N GLY B 178 -12.24 -1.49 -1.73
CA GLY B 178 -10.97 -1.25 -2.40
C GLY B 178 -9.80 -1.16 -1.44
N GLU B 179 -8.70 -0.61 -1.97
CA GLU B 179 -7.43 -0.49 -1.26
C GLU B 179 -7.37 0.76 -0.38
N VAL B 180 -7.83 1.90 -0.89
CA VAL B 180 -7.73 3.15 -0.12
C VAL B 180 -8.59 3.09 1.13
N ALA B 181 -9.65 2.28 1.12
CA ALA B 181 -10.50 2.15 2.29
C ALA B 181 -9.74 1.49 3.43
N ASN B 182 -9.96 1.99 4.65
CA ASN B 182 -9.24 1.52 5.83
C ASN B 182 -9.87 0.24 6.38
N ILE B 183 -9.85 -0.80 5.55
CA ILE B 183 -10.31 -2.14 5.95
C ILE B 183 -9.08 -3.04 6.02
N PRO B 184 -8.99 -3.92 7.01
CA PRO B 184 -7.85 -4.85 7.08
C PRO B 184 -7.83 -5.77 5.88
N PRO B 185 -6.67 -5.99 5.27
CA PRO B 185 -6.59 -6.84 4.08
C PRO B 185 -6.79 -8.30 4.44
N VAL B 186 -6.93 -9.12 3.39
CA VAL B 186 -7.22 -10.54 3.53
C VAL B 186 -6.17 -11.32 2.75
N PHE B 187 -5.55 -12.30 3.41
CA PHE B 187 -4.63 -13.22 2.76
C PHE B 187 -5.43 -14.44 2.29
N VAL B 188 -5.59 -14.57 0.99
CA VAL B 188 -6.46 -15.60 0.41
C VAL B 188 -5.59 -16.68 -0.22
N SER B 189 -6.08 -17.91 -0.16
CA SER B 189 -5.43 -19.07 -0.75
C SER B 189 -6.39 -19.78 -1.69
N ASN B 190 -5.84 -20.67 -2.51
CA ASN B 190 -6.68 -21.44 -3.44
C ASN B 190 -7.63 -22.37 -2.67
N MET B 191 -7.14 -22.97 -1.58
CA MET B 191 -8.02 -23.78 -0.75
C MET B 191 -9.11 -22.95 -0.08
N LEU B 192 -8.88 -21.65 0.07
CA LEU B 192 -9.85 -20.75 0.71
C LEU B 192 -10.89 -20.21 -0.26
N ILE B 193 -10.50 -19.97 -1.51
CA ILE B 193 -11.43 -19.43 -2.51
C ILE B 193 -12.51 -20.48 -2.79
N LYS B 194 -13.76 -20.09 -2.62
CA LYS B 194 -14.88 -20.99 -2.88
C LYS B 194 -15.35 -20.86 -4.32
N ASN B 195 -16.08 -19.78 -4.62
CA ASN B 195 -16.60 -19.52 -5.95
C ASN B 195 -15.99 -18.24 -6.51
N VAL B 196 -15.99 -18.14 -7.82
CA VAL B 196 -15.51 -16.97 -8.54
C VAL B 196 -16.72 -16.18 -9.02
N ILE B 197 -16.91 -14.99 -8.47
CA ILE B 197 -18.05 -14.15 -8.83
C ILE B 197 -17.77 -13.32 -10.07
N HIS B 198 -16.55 -12.81 -10.22
CA HIS B 198 -16.19 -11.99 -11.38
C HIS B 198 -14.74 -12.29 -11.75
N MET B 199 -14.54 -12.84 -12.94
CA MET B 199 -13.20 -13.14 -13.41
C MET B 199 -12.54 -11.89 -13.99
N GLY B 200 -11.28 -11.69 -13.66
CA GLY B 200 -10.54 -10.54 -14.14
C GLY B 200 -10.14 -10.69 -15.61
N LEU B 201 -9.42 -9.68 -16.10
CA LEU B 201 -8.97 -9.68 -17.47
C LEU B 201 -7.94 -10.79 -17.69
N GLU B 202 -8.09 -11.54 -18.78
CA GLU B 202 -7.18 -12.61 -19.13
C GLU B 202 -6.86 -12.52 -20.62
N ASN B 203 -5.63 -12.11 -20.92
CA ASN B 203 -5.17 -11.97 -22.30
C ASN B 203 -3.87 -12.75 -22.44
N GLU B 204 -3.07 -12.39 -23.45
CA GLU B 204 -1.79 -13.07 -23.65
C GLU B 204 -0.78 -12.66 -22.60
N TRP B 205 -0.82 -11.41 -22.12
CA TRP B 205 0.05 -11.01 -21.02
C TRP B 205 -0.32 -11.77 -19.75
N GLU B 206 -1.61 -12.00 -19.53
CA GLU B 206 -2.03 -12.73 -18.33
C GLU B 206 -1.63 -14.19 -18.40
N ASP B 207 -1.72 -14.79 -19.61
CA ASP B 207 -1.33 -16.19 -19.75
C ASP B 207 0.15 -16.39 -19.48
N GLN B 208 1.00 -15.49 -20.00
CA GLN B 208 2.42 -15.57 -19.73
C GLN B 208 2.73 -15.24 -18.27
N MET B 209 1.92 -14.38 -17.65
CA MET B 209 2.11 -14.10 -16.24
C MET B 209 1.74 -15.30 -15.37
N LYS B 210 0.73 -16.07 -15.79
CA LYS B 210 0.42 -17.31 -15.09
C LYS B 210 1.59 -18.29 -15.16
N GLU B 211 2.19 -18.43 -16.35
CA GLU B 211 3.30 -19.36 -16.51
C GLU B 211 4.55 -18.87 -15.80
N VAL B 212 4.73 -17.55 -15.69
CA VAL B 212 5.87 -17.00 -14.96
C VAL B 212 5.71 -17.24 -13.47
N LEU B 213 4.51 -16.99 -12.93
CA LEU B 213 4.27 -17.21 -11.51
C LEU B 213 4.31 -18.70 -11.16
N ARG B 214 3.58 -19.52 -11.91
CA ARG B 214 3.57 -20.96 -11.66
C ARG B 214 4.93 -21.58 -11.93
N GLY B 215 5.66 -21.06 -12.93
CA GLY B 215 6.98 -21.59 -13.22
C GLY B 215 7.96 -21.40 -12.09
N SER B 216 7.81 -20.31 -11.33
CA SER B 216 8.67 -20.04 -10.17
C SER B 216 8.18 -20.74 -8.91
N GLN B 217 6.87 -20.94 -8.77
CA GLN B 217 6.34 -21.60 -7.57
C GLN B 217 6.65 -23.09 -7.56
N LEU B 218 6.85 -23.70 -8.73
CA LEU B 218 7.19 -25.12 -8.81
C LEU B 218 8.69 -25.37 -8.92
N GLU B 219 9.44 -24.47 -9.54
CA GLU B 219 10.88 -24.65 -9.65
C GLU B 219 11.57 -24.46 -8.31
N LEU B 220 11.09 -23.51 -7.50
CA LEU B 220 11.62 -23.30 -6.16
C LEU B 220 11.02 -24.25 -5.14
N HIS B 221 10.11 -25.14 -5.55
CA HIS B 221 9.47 -26.11 -4.68
C HIS B 221 8.75 -25.42 -3.52
N GLN B 222 7.84 -24.52 -3.89
CA GLN B 222 7.07 -23.74 -2.93
C GLN B 222 5.66 -24.29 -2.79
N LEU B 223 5.11 -24.15 -1.58
CA LEU B 223 3.74 -24.52 -1.28
C LEU B 223 2.96 -23.29 -0.84
N SER B 224 1.66 -23.48 -0.65
CA SER B 224 0.81 -22.41 -0.15
C SER B 224 0.80 -22.43 1.37
N THR B 225 0.52 -21.26 1.96
CA THR B 225 0.42 -21.16 3.41
C THR B 225 -0.74 -21.97 3.97
N ALA B 226 -1.67 -22.43 3.12
CA ALA B 226 -2.73 -23.30 3.58
C ALA B 226 -2.21 -24.68 3.96
N PHE B 227 -1.12 -25.13 3.33
CA PHE B 227 -0.51 -26.41 3.62
C PHE B 227 0.66 -26.29 4.58
N MET B 228 0.69 -25.23 5.40
CA MET B 228 1.81 -25.00 6.31
C MET B 228 1.67 -25.92 7.51
N THR B 229 2.70 -26.75 7.74
CA THR B 229 2.67 -27.67 8.87
C THR B 229 2.67 -26.91 10.19
N GLN B 230 2.04 -27.51 11.20
CA GLN B 230 1.96 -26.88 12.51
C GLN B 230 3.35 -26.66 13.10
N SER B 231 4.31 -27.51 12.75
CA SER B 231 5.69 -27.30 13.19
C SER B 231 6.27 -26.01 12.60
N ASP B 232 5.90 -25.69 11.35
CA ASP B 232 6.35 -24.47 10.72
C ASP B 232 5.46 -23.28 11.03
N GLN B 233 4.18 -23.51 11.36
CA GLN B 233 3.29 -22.41 11.72
C GLN B 233 3.75 -21.74 13.01
N VAL B 234 4.10 -22.53 14.02
CA VAL B 234 4.58 -21.95 15.28
C VAL B 234 5.98 -21.37 15.10
N ALA B 235 6.77 -21.93 14.19
CA ALA B 235 8.09 -21.39 13.92
C ALA B 235 8.01 -20.02 13.25
N TYR B 236 6.97 -19.80 12.44
CA TYR B 236 6.78 -18.49 11.82
C TYR B 236 6.27 -17.48 12.83
N LEU B 237 5.59 -17.94 13.88
CA LEU B 237 5.10 -17.04 14.92
C LEU B 237 6.26 -16.55 15.79
N THR B 238 7.14 -17.46 16.21
CA THR B 238 8.28 -17.07 17.01
C THR B 238 9.36 -16.35 16.20
N TYR B 239 9.29 -16.45 14.86
CA TYR B 239 10.22 -15.70 14.03
C TYR B 239 10.00 -14.21 14.16
N LEU B 240 8.74 -13.77 14.23
CA LEU B 240 8.41 -12.37 14.40
C LEU B 240 8.24 -11.97 15.86
N THR B 241 8.15 -12.94 16.77
CA THR B 241 8.09 -12.66 18.20
C THR B 241 9.47 -12.59 18.84
N THR B 242 10.51 -13.01 18.13
CA THR B 242 11.87 -12.89 18.67
C THR B 242 12.25 -11.47 19.07
N PRO B 243 11.93 -10.42 18.29
CA PRO B 243 12.23 -9.07 18.82
C PRO B 243 11.30 -8.67 19.96
N MET C 15 -2.42 28.82 22.95
CA MET C 15 -2.32 28.31 21.59
C MET C 15 -1.34 27.14 21.53
N THR C 16 -0.05 27.47 21.56
CA THR C 16 0.98 26.43 21.62
C THR C 16 0.87 25.62 22.90
N GLU C 17 0.66 26.30 24.03
CA GLU C 17 0.46 25.61 25.30
C GLU C 17 -0.91 24.96 25.34
N TYR C 18 -0.94 23.67 25.65
CA TYR C 18 -2.18 22.92 25.70
C TYR C 18 -2.80 23.02 27.10
N ARG C 19 -4.09 23.35 27.14
CA ARG C 19 -4.85 23.43 28.39
C ARG C 19 -6.02 22.45 28.29
N PRO C 20 -5.77 21.15 28.42
CA PRO C 20 -6.88 20.18 28.36
C PRO C 20 -7.82 20.28 29.54
N VAL C 21 -7.40 20.91 30.64
CA VAL C 21 -8.27 21.06 31.81
C VAL C 21 -9.33 22.13 31.58
N GLU C 22 -8.92 23.27 31.01
CA GLU C 22 -9.87 24.36 30.82
C GLU C 22 -10.82 24.10 29.66
N ILE C 23 -10.36 23.39 28.63
CA ILE C 23 -11.24 23.08 27.48
C ILE C 23 -12.10 21.86 27.70
N PHE C 24 -11.88 21.12 28.80
CA PHE C 24 -12.65 19.89 29.01
C PHE C 24 -14.12 20.15 29.28
N PRO C 25 -14.52 21.04 30.19
CA PRO C 25 -15.96 21.16 30.49
C PRO C 25 -16.79 21.67 29.32
N GLU C 26 -16.25 22.59 28.52
CA GLU C 26 -17.02 23.12 27.40
C GLU C 26 -17.12 22.12 26.26
N VAL C 27 -16.05 21.35 26.03
CA VAL C 27 -16.09 20.32 24.99
C VAL C 27 -17.08 19.22 25.37
N LEU C 28 -17.13 18.86 26.66
CA LEU C 28 -18.09 17.85 27.10
C LEU C 28 -19.53 18.32 26.88
N SER C 29 -19.79 19.62 27.07
CA SER C 29 -21.12 20.14 26.83
C SER C 29 -21.41 20.32 25.35
N ASP C 30 -20.39 20.64 24.55
CA ASP C 30 -20.58 20.79 23.11
C ASP C 30 -20.72 19.46 22.39
N TRP C 31 -20.32 18.36 23.02
CA TRP C 31 -20.43 17.05 22.39
C TRP C 31 -21.90 16.69 22.21
N PRO C 32 -22.38 16.53 20.97
CA PRO C 32 -23.82 16.32 20.77
C PRO C 32 -24.34 15.02 21.35
N THR C 33 -23.53 13.97 21.37
CA THR C 33 -23.98 12.67 21.87
C THR C 33 -24.15 12.66 23.39
N VAL C 34 -23.72 13.70 24.09
CA VAL C 34 -23.86 13.75 25.54
C VAL C 34 -25.31 13.99 25.89
N ASN C 35 -25.88 13.11 26.71
CA ASN C 35 -27.27 13.25 27.15
C ASN C 35 -27.46 12.88 28.61
N PHE C 36 -26.37 12.83 29.39
CA PHE C 36 -26.41 12.47 30.80
C PHE C 36 -26.11 13.69 31.67
N ALA C 37 -26.31 13.52 32.97
CA ALA C 37 -26.10 14.61 33.92
C ALA C 37 -24.61 14.94 34.02
N VAL C 38 -24.29 16.22 33.84
CA VAL C 38 -22.92 16.70 33.91
C VAL C 38 -22.82 17.59 35.14
N THR C 39 -22.29 17.04 36.23
CA THR C 39 -22.11 17.78 37.47
C THR C 39 -20.66 18.24 37.59
N ASP C 40 -20.39 19.00 38.65
CA ASP C 40 -19.01 19.41 38.92
C ASP C 40 -18.14 18.21 39.23
N ASP C 41 -18.70 17.20 39.90
CA ASP C 41 -17.96 15.97 40.17
C ASP C 41 -17.69 15.21 38.89
N VAL C 42 -18.66 15.20 37.97
CA VAL C 42 -18.45 14.57 36.67
C VAL C 42 -17.34 15.30 35.91
N LEU C 43 -17.30 16.62 36.01
CA LEU C 43 -16.22 17.38 35.39
C LEU C 43 -14.89 17.13 36.09
N GLU C 44 -14.94 16.96 37.42
CA GLU C 44 -13.72 16.69 38.17
C GLU C 44 -13.20 15.28 37.93
N LEU C 45 -14.10 14.33 37.66
CA LEU C 45 -13.67 12.96 37.40
C LEU C 45 -12.87 12.87 36.11
N GLY C 46 -13.24 13.67 35.10
CA GLY C 46 -12.49 13.68 33.86
C GLY C 46 -11.12 14.31 33.99
N ILE C 47 -10.98 15.28 34.88
CA ILE C 47 -9.68 15.92 35.09
C ILE C 47 -8.72 14.96 35.79
N PHE C 48 -9.24 14.14 36.70
CA PHE C 48 -8.39 13.16 37.38
C PHE C 48 -7.94 12.06 36.44
N LEU C 49 -8.88 11.49 35.68
CA LEU C 49 -8.54 10.44 34.72
C LEU C 49 -7.79 11.00 33.51
N GLY C 50 -7.93 12.30 33.23
CA GLY C 50 -7.24 12.87 32.08
C GLY C 50 -5.75 12.97 32.27
N GLU C 51 -5.32 13.47 33.44
CA GLU C 51 -3.91 13.60 33.75
C GLU C 51 -3.26 12.28 34.14
N ARG C 52 -4.03 11.19 34.20
CA ARG C 52 -3.51 9.87 34.56
C ARG C 52 -4.10 8.84 33.59
N PRO C 53 -3.53 8.74 32.39
CA PRO C 53 -4.07 7.79 31.41
C PRO C 53 -3.94 6.34 31.83
N GLU C 54 -3.00 6.01 32.72
CA GLU C 54 -2.87 4.63 33.18
C GLU C 54 -4.11 4.15 33.92
N ALA C 55 -4.82 5.07 34.59
CA ALA C 55 -6.11 4.77 35.18
C ALA C 55 -7.25 4.85 34.17
N LEU C 56 -7.17 5.79 33.22
CA LEU C 56 -8.22 5.91 32.21
C LEU C 56 -8.28 4.67 31.34
N LYS C 57 -7.12 4.13 30.94
CA LYS C 57 -7.08 2.94 30.12
C LYS C 57 -7.49 1.70 30.92
N GLY C 58 -7.20 1.69 32.22
CA GLY C 58 -7.62 0.56 33.04
C GLY C 58 -9.13 0.48 33.22
N VAL C 59 -9.80 1.63 33.18
CA VAL C 59 -11.27 1.62 33.27
C VAL C 59 -11.90 1.26 31.93
N TYR C 60 -11.23 1.60 30.81
CA TYR C 60 -11.72 1.17 29.52
C TYR C 60 -11.72 -0.35 29.40
N LYS C 61 -10.70 -1.00 29.94
CA LYS C 61 -10.68 -2.46 29.96
C LYS C 61 -11.80 -3.02 30.82
N LEU C 62 -12.22 -2.28 31.85
CA LEU C 62 -13.36 -2.69 32.65
C LEU C 62 -14.65 -2.69 31.83
N ILE C 63 -14.76 -1.78 30.87
CA ILE C 63 -15.94 -1.71 30.01
C ILE C 63 -15.81 -2.63 28.80
N LYS C 64 -14.65 -2.61 28.13
CA LYS C 64 -14.49 -3.38 26.90
C LYS C 64 -14.43 -4.87 27.19
N LEU C 65 -13.61 -5.28 28.15
CA LEU C 65 -13.44 -6.69 28.48
C LEU C 65 -14.48 -7.19 29.47
N LYS C 66 -15.40 -6.33 29.90
CA LYS C 66 -16.48 -6.71 30.83
C LYS C 66 -15.91 -7.32 32.12
N GLN C 67 -14.91 -6.64 32.68
CA GLN C 67 -14.30 -7.10 33.92
C GLN C 67 -15.24 -6.86 35.10
N LYS C 68 -14.92 -7.48 36.23
CA LYS C 68 -15.75 -7.33 37.43
C LYS C 68 -15.46 -6.02 38.14
N ASN C 69 -14.18 -5.66 38.28
CA ASN C 69 -13.80 -4.44 38.97
C ASN C 69 -12.39 -4.06 38.55
N TYR C 70 -11.97 -2.87 38.97
CA TYR C 70 -10.62 -2.38 38.69
C TYR C 70 -10.27 -1.29 39.70
N GLU C 71 -9.12 -1.43 40.34
CA GLU C 71 -8.64 -0.47 41.32
C GLU C 71 -7.36 0.18 40.81
N TYR C 72 -7.27 1.50 40.99
CA TYR C 72 -6.11 2.27 40.58
C TYR C 72 -5.37 2.73 41.83
N GLN C 73 -4.24 2.08 42.12
CA GLN C 73 -3.40 2.48 43.23
C GLN C 73 -2.52 3.65 42.80
N SER C 74 -2.54 4.72 43.60
CA SER C 74 -1.71 5.88 43.31
C SER C 74 -0.23 5.55 43.58
N PHE C 75 0.64 6.48 43.20
CA PHE C 75 2.06 6.31 43.44
C PHE C 75 2.39 6.28 44.93
N LEU C 76 1.51 6.83 45.78
CA LEU C 76 1.70 6.74 47.22
C LEU C 76 1.33 5.36 47.75
N GLY C 77 0.18 4.83 47.34
CA GLY C 77 -0.26 3.53 47.79
C GLY C 77 -1.77 3.42 47.88
N LEU C 78 -2.45 4.54 48.08
CA LEU C 78 -3.90 4.53 48.18
C LEU C 78 -4.53 4.19 46.83
N SER C 79 -5.69 3.53 46.89
CA SER C 79 -6.35 3.03 45.70
C SER C 79 -7.80 3.52 45.66
N ILE C 80 -8.34 3.57 44.44
CA ILE C 80 -9.73 3.94 44.20
C ILE C 80 -10.39 2.83 43.40
N LEU C 81 -11.51 2.33 43.91
CA LEU C 81 -12.20 1.18 43.32
C LEU C 81 -13.29 1.64 42.36
N PHE C 82 -13.36 0.98 41.20
CA PHE C 82 -14.40 1.20 40.21
C PHE C 82 -14.98 -0.15 39.81
N GLU C 83 -16.18 -0.45 40.29
CA GLU C 83 -16.83 -1.72 40.01
C GLU C 83 -17.68 -1.62 38.75
N ARG C 84 -17.95 -2.78 38.15
CA ARG C 84 -18.86 -2.90 37.02
C ARG C 84 -19.96 -3.89 37.37
N SER C 85 -21.20 -3.51 37.13
CA SER C 85 -22.34 -4.39 37.34
C SER C 85 -22.56 -5.26 36.11
N ASP C 86 -22.92 -6.51 36.35
CA ASP C 86 -23.13 -7.45 35.24
C ASP C 86 -24.31 -7.06 34.37
N ASP C 87 -25.24 -6.23 34.88
CA ASP C 87 -26.36 -5.76 34.09
C ASP C 87 -25.97 -4.66 33.10
N GLY C 88 -24.73 -4.20 33.13
CA GLY C 88 -24.29 -3.17 32.20
C GLY C 88 -24.38 -1.78 32.76
N GLN C 89 -23.59 -1.48 33.79
CA GLN C 89 -23.63 -0.19 34.45
C GLN C 89 -22.41 -0.05 35.35
N ILE C 90 -21.79 1.11 35.32
CA ILE C 90 -20.63 1.40 36.17
C ILE C 90 -21.11 1.99 37.48
N LEU C 91 -20.64 1.44 38.59
CA LEU C 91 -21.06 1.87 39.92
C LEU C 91 -19.84 2.17 40.78
N TYR C 92 -19.86 3.33 41.44
CA TYR C 92 -18.82 3.72 42.38
C TYR C 92 -19.45 4.70 43.37
N THR C 93 -18.65 5.16 44.32
CA THR C 93 -19.14 6.10 45.34
C THR C 93 -18.21 7.30 45.41
N PHE C 94 -18.74 8.48 45.09
CA PHE C 94 -18.06 9.75 45.29
C PHE C 94 -18.52 10.37 46.61
N LYS C 95 -17.60 11.09 47.26
CA LYS C 95 -17.78 11.64 48.60
C LYS C 95 -18.51 10.68 49.53
N GLU C 96 -18.21 9.38 49.39
CA GLU C 96 -18.88 8.32 50.15
C GLU C 96 -20.39 8.33 49.89
N LYS C 97 -20.77 8.57 48.64
CA LYS C 97 -22.16 8.54 48.19
C LYS C 97 -22.24 7.86 46.84
N GLU C 98 -23.26 7.02 46.67
CA GLU C 98 -23.37 6.20 45.47
C GLU C 98 -23.57 7.06 44.23
N VAL C 99 -22.91 6.66 43.14
CA VAL C 99 -23.02 7.32 41.85
C VAL C 99 -23.23 6.25 40.78
N ILE C 100 -24.22 6.47 39.91
CA ILE C 100 -24.57 5.52 38.86
C ILE C 100 -24.11 6.06 37.52
N TRP C 101 -23.72 5.14 36.63
CA TRP C 101 -23.26 5.50 35.30
C TRP C 101 -23.62 4.38 34.34
N GLU C 102 -24.53 4.65 33.42
CA GLU C 102 -24.90 3.65 32.41
C GLU C 102 -23.70 3.30 31.55
N GLU C 103 -23.65 2.04 31.11
CA GLU C 103 -22.50 1.57 30.36
C GLU C 103 -22.37 2.27 29.02
N GLU C 104 -23.49 2.56 28.37
CA GLU C 104 -23.44 3.30 27.10
C GLU C 104 -23.14 4.77 27.31
N GLU C 105 -23.48 5.32 28.47
CA GLU C 105 -23.16 6.71 28.79
C GLU C 105 -21.77 6.87 29.38
N PHE C 106 -21.29 5.88 30.14
CA PHE C 106 -19.96 5.97 30.72
C PHE C 106 -18.87 5.72 29.69
N LEU C 107 -19.15 4.91 28.67
CA LEU C 107 -18.17 4.70 27.60
C LEU C 107 -17.97 5.98 26.80
N LEU C 108 -19.03 6.74 26.57
CA LEU C 108 -18.89 8.04 25.92
C LEU C 108 -18.11 9.01 26.80
N PHE C 109 -18.28 8.92 28.12
CA PHE C 109 -17.56 9.82 29.02
C PHE C 109 -16.06 9.64 28.90
N ILE C 110 -15.58 8.39 29.01
CA ILE C 110 -14.15 8.13 28.88
C ILE C 110 -13.69 8.29 27.44
N GLY C 111 -14.62 8.31 26.49
CA GLY C 111 -14.28 8.50 25.10
C GLY C 111 -13.92 9.94 24.78
N VAL C 112 -14.65 10.88 25.39
CA VAL C 112 -14.35 12.30 25.20
C VAL C 112 -13.08 12.69 25.94
N ILE C 113 -12.82 12.05 27.10
CA ILE C 113 -11.59 12.32 27.83
C ILE C 113 -10.38 11.96 26.97
N ASP C 114 -10.43 10.82 26.28
CA ASP C 114 -9.35 10.44 25.40
C ASP C 114 -9.27 11.36 24.18
N ALA C 115 -10.40 11.94 23.77
CA ALA C 115 -10.38 12.88 22.65
C ALA C 115 -9.77 14.22 23.04
N VAL C 116 -9.74 14.54 24.34
CA VAL C 116 -9.21 15.80 24.83
C VAL C 116 -7.84 15.63 25.48
N PHE C 117 -7.75 14.70 26.44
CA PHE C 117 -6.50 14.46 27.17
C PHE C 117 -5.61 13.42 26.50
N GLY C 118 -6.01 12.89 25.34
CA GLY C 118 -5.19 11.90 24.66
C GLY C 118 -3.91 12.49 24.10
N GLU C 119 -2.89 11.65 24.01
CA GLU C 119 -1.59 12.08 23.52
C GLU C 119 -1.47 11.78 22.03
N LEU C 120 -1.03 12.78 21.27
CA LEU C 120 -0.77 12.63 19.83
C LEU C 120 0.69 12.24 19.65
N TYR C 121 0.93 10.97 19.35
CA TYR C 121 2.30 10.52 19.14
C TYR C 121 2.72 10.78 17.71
N PRO C 122 3.97 11.17 17.47
CA PRO C 122 4.44 11.42 16.10
C PRO C 122 4.53 10.13 15.31
N ILE C 123 4.77 10.28 14.01
CA ILE C 123 4.95 9.13 13.14
C ILE C 123 6.28 8.47 13.46
N GLY C 124 6.31 7.14 13.34
CA GLY C 124 7.51 6.38 13.68
C GLY C 124 7.70 6.12 15.15
N THR C 125 6.67 6.30 15.97
CA THR C 125 6.77 6.06 17.41
C THR C 125 6.56 4.57 17.68
N VAL C 126 7.61 3.88 18.09
CA VAL C 126 7.52 2.45 18.39
C VAL C 126 6.87 2.29 19.76
N VAL C 127 5.68 1.70 19.77
CA VAL C 127 4.93 1.51 21.01
C VAL C 127 4.75 0.00 21.24
N GLU C 128 4.24 -0.34 22.42
CA GLU C 128 3.99 -1.72 22.82
C GLU C 128 2.53 -1.84 23.18
N LEU C 129 1.74 -2.47 22.30
CA LEU C 129 0.31 -2.57 22.52
C LEU C 129 -0.01 -3.57 23.62
N ASP C 130 -1.07 -3.29 24.37
CA ASP C 130 -1.54 -4.18 25.41
C ASP C 130 -2.15 -5.43 24.76
N LEU C 131 -1.51 -6.57 24.95
CA LEU C 131 -1.96 -7.81 24.31
C LEU C 131 -3.34 -8.23 24.79
N GLU C 132 -3.77 -7.78 25.97
CA GLU C 132 -5.09 -8.14 26.48
C GLU C 132 -6.21 -7.35 25.82
N LEU C 133 -5.90 -6.23 25.16
CA LEU C 133 -6.89 -5.40 24.49
C LEU C 133 -6.80 -5.50 22.97
N LEU C 134 -6.19 -6.56 22.45
CA LEU C 134 -6.03 -6.71 21.01
C LEU C 134 -7.17 -7.50 20.38
N ASP C 135 -8.40 -7.12 20.72
CA ASP C 135 -9.62 -7.71 20.16
C ASP C 135 -9.71 -9.22 20.38
N ALA C 136 -8.95 -9.74 21.34
CA ALA C 136 -8.94 -11.18 21.61
C ALA C 136 -10.07 -11.55 22.56
N ALA C 148 4.18 -7.88 19.07
CA ALA C 148 4.47 -7.29 20.37
C ALA C 148 4.75 -5.80 20.24
N LEU C 149 5.70 -5.45 19.40
CA LEU C 149 6.09 -4.06 19.16
C LEU C 149 5.55 -3.61 17.82
N VAL C 150 4.87 -2.46 17.82
CA VAL C 150 4.24 -1.91 16.63
C VAL C 150 4.68 -0.46 16.48
N MET C 151 5.16 -0.10 15.29
CA MET C 151 5.53 1.27 15.00
C MET C 151 4.35 2.00 14.36
N LEU C 152 4.13 3.24 14.79
CA LEU C 152 3.02 4.04 14.30
C LEU C 152 3.42 4.69 12.98
N ALA C 153 2.86 4.19 11.87
CA ALA C 153 3.13 4.74 10.56
C ALA C 153 2.10 5.75 10.09
N GLY C 154 0.86 5.66 10.57
CA GLY C 154 -0.17 6.61 10.23
C GLY C 154 -1.10 6.87 11.40
N ARG C 155 -1.52 8.12 11.57
CA ARG C 155 -2.34 8.50 12.72
C ARG C 155 -3.59 9.23 12.27
N ARG C 156 -4.68 8.99 12.99
CA ARG C 156 -5.95 9.69 12.80
C ARG C 156 -6.47 9.52 11.37
N LEU C 157 -6.68 8.26 11.00
CA LEU C 157 -7.26 8.03 9.68
C LEU C 157 -8.78 8.04 9.77
N PRO C 158 -9.46 8.67 8.81
CA PRO C 158 -10.92 8.74 8.87
C PRO C 158 -11.56 7.38 8.62
N LEU C 159 -12.74 7.21 9.19
CA LEU C 159 -13.54 6.01 8.97
C LEU C 159 -14.35 6.20 7.69
N ALA C 160 -15.27 5.27 7.42
CA ALA C 160 -16.09 5.36 6.23
C ALA C 160 -17.16 6.44 6.38
N LYS C 161 -17.84 6.75 5.28
CA LYS C 161 -18.94 7.69 5.31
C LYS C 161 -20.08 7.13 6.15
N ASP C 162 -20.90 8.04 6.68
CA ASP C 162 -21.99 7.78 7.63
C ASP C 162 -21.46 7.33 8.98
N PHE C 163 -20.15 7.30 9.19
CA PHE C 163 -19.53 6.95 10.45
C PHE C 163 -18.46 7.97 10.82
N GLU C 164 -18.71 9.25 10.52
CA GLU C 164 -17.76 10.31 10.82
C GLU C 164 -17.56 10.52 12.32
N ALA C 165 -18.38 9.91 13.17
CA ALA C 165 -18.24 10.04 14.61
C ALA C 165 -17.14 9.16 15.18
N TYR C 166 -16.36 8.48 14.33
CA TYR C 166 -15.29 7.61 14.80
C TYR C 166 -14.07 7.79 13.90
N GLU C 167 -12.91 7.38 14.43
CA GLU C 167 -11.65 7.51 13.73
C GLU C 167 -10.67 6.49 14.29
N ILE C 168 -9.72 6.09 13.45
CA ILE C 168 -8.65 5.19 13.85
C ILE C 168 -7.49 6.05 14.35
N ASP C 169 -7.20 5.96 15.65
CA ASP C 169 -6.20 6.84 16.25
C ASP C 169 -4.83 6.67 15.60
N TYR C 170 -4.30 5.45 15.62
CA TYR C 170 -3.02 5.15 15.00
C TYR C 170 -3.14 3.87 14.18
N PHE C 171 -2.15 3.65 13.32
CA PHE C 171 -2.11 2.44 12.51
C PHE C 171 -0.70 2.31 11.92
N GLY C 172 -0.20 1.09 11.88
CA GLY C 172 1.14 0.86 11.39
C GLY C 172 1.45 -0.62 11.34
N ARG C 173 2.72 -0.92 11.03
CA ARG C 173 3.18 -2.29 10.88
C ARG C 173 3.91 -2.74 12.15
N VAL C 174 4.23 -4.03 12.18
CA VAL C 174 4.95 -4.61 13.30
C VAL C 174 6.43 -4.27 13.16
N TRP C 175 7.00 -3.72 14.23
CA TRP C 175 8.40 -3.31 14.23
C TRP C 175 9.31 -4.53 14.35
N PRO C 176 10.43 -4.58 13.63
CA PRO C 176 10.91 -3.61 12.63
C PRO C 176 10.69 -4.08 11.20
N PHE C 177 9.63 -4.88 10.96
CA PHE C 177 9.43 -5.42 9.63
C PHE C 177 8.95 -4.34 8.66
N GLY C 178 7.96 -3.56 9.08
CA GLY C 178 7.50 -2.45 8.26
C GLY C 178 6.56 -2.89 7.15
N GLU C 179 6.63 -2.18 6.02
CA GLU C 179 5.68 -2.37 4.93
C GLU C 179 5.98 -3.62 4.11
N VAL C 180 6.12 -4.76 4.78
CA VAL C 180 6.15 -6.05 4.10
C VAL C 180 4.74 -6.61 4.09
N ALA C 181 4.19 -6.81 2.89
CA ALA C 181 2.78 -7.18 2.75
C ALA C 181 2.47 -8.49 3.48
N ASN C 182 3.47 -9.35 3.66
CA ASN C 182 3.27 -10.59 4.39
C ASN C 182 2.81 -10.32 5.83
N ILE C 183 3.25 -9.23 6.43
CA ILE C 183 2.83 -8.83 7.78
C ILE C 183 1.57 -7.99 7.63
N PRO C 184 0.44 -8.41 8.21
CA PRO C 184 -0.76 -7.58 8.12
C PRO C 184 -0.63 -6.35 9.00
N PRO C 185 -1.27 -5.25 8.62
CA PRO C 185 -1.20 -4.03 9.45
C PRO C 185 -2.02 -4.18 10.72
N VAL C 186 -1.81 -3.23 11.63
CA VAL C 186 -2.46 -3.22 12.94
C VAL C 186 -3.15 -1.87 13.14
N PHE C 187 -4.44 -1.90 13.46
CA PHE C 187 -5.19 -0.71 13.80
C PHE C 187 -5.05 -0.46 15.30
N VAL C 188 -4.41 0.64 15.67
CA VAL C 188 -4.06 0.92 17.05
C VAL C 188 -4.84 2.13 17.54
N SER C 189 -5.61 1.96 18.60
CA SER C 189 -6.29 3.06 19.26
C SER C 189 -5.47 3.52 20.46
N ASN C 190 -5.89 4.65 21.04
CA ASN C 190 -5.20 5.17 22.21
C ASN C 190 -5.28 4.22 23.38
N MET C 191 -6.36 3.44 23.48
CA MET C 191 -6.52 2.48 24.56
C MET C 191 -5.66 1.25 24.37
N LEU C 192 -5.23 0.96 23.14
CA LEU C 192 -4.40 -0.22 22.89
C LEU C 192 -2.95 0.01 23.26
N ILE C 193 -2.47 1.25 23.14
CA ILE C 193 -1.08 1.56 23.49
C ILE C 193 -0.92 1.48 25.00
N LYS C 194 0.01 0.66 25.46
CA LYS C 194 0.30 0.50 26.89
C LYS C 194 1.64 1.10 27.29
N ASN C 195 2.66 0.96 26.45
CA ASN C 195 3.99 1.45 26.75
C ASN C 195 4.61 2.04 25.50
N VAL C 196 5.28 3.18 25.65
CA VAL C 196 5.96 3.84 24.54
C VAL C 196 7.44 3.49 24.63
N ILE C 197 7.97 2.85 23.59
CA ILE C 197 9.34 2.37 23.59
C ILE C 197 10.28 3.39 22.94
N HIS C 198 9.91 3.90 21.77
CA HIS C 198 10.74 4.86 21.05
C HIS C 198 9.85 5.98 20.53
N MET C 199 10.12 7.20 20.95
CA MET C 199 9.32 8.34 20.53
C MET C 199 9.71 8.78 19.12
N GLY C 200 8.74 9.29 18.39
CA GLY C 200 8.96 9.74 17.03
C GLY C 200 9.64 11.10 16.97
N LEU C 201 9.84 11.57 15.74
CA LEU C 201 10.47 12.85 15.53
C LEU C 201 9.53 13.99 15.94
N GLU C 202 10.05 14.93 16.70
CA GLU C 202 9.28 16.07 17.19
C GLU C 202 10.04 17.37 16.93
N ASN C 203 9.37 18.32 16.30
CA ASN C 203 9.95 19.63 16.02
C ASN C 203 8.82 20.63 15.88
N GLU C 204 9.09 21.77 15.24
CA GLU C 204 8.06 22.78 15.08
C GLU C 204 6.98 22.35 14.11
N TRP C 205 7.32 21.54 13.11
CA TRP C 205 6.31 21.04 12.18
C TRP C 205 5.45 19.97 12.84
N GLU C 206 6.06 19.12 13.67
CA GLU C 206 5.29 18.11 14.39
C GLU C 206 4.29 18.75 15.35
N ASP C 207 4.73 19.77 16.10
CA ASP C 207 3.82 20.47 17.00
C ASP C 207 2.72 21.18 16.21
N GLN C 208 3.05 21.75 15.05
CA GLN C 208 2.02 22.30 14.18
C GLN C 208 1.11 21.20 13.66
N MET C 209 1.67 20.02 13.39
CA MET C 209 0.86 18.90 12.92
C MET C 209 -0.03 18.35 14.04
N LYS C 210 0.45 18.39 15.28
CA LYS C 210 -0.37 17.93 16.40
C LYS C 210 -1.53 18.88 16.67
N GLU C 211 -1.29 20.20 16.54
CA GLU C 211 -2.33 21.17 16.88
C GLU C 211 -3.44 21.17 15.83
N VAL C 212 -3.08 21.18 14.54
CA VAL C 212 -4.09 21.22 13.48
C VAL C 212 -4.84 19.89 13.39
N LEU C 213 -4.25 18.79 13.84
CA LEU C 213 -4.90 17.50 13.80
C LEU C 213 -5.77 17.25 15.03
N ARG C 214 -5.38 17.78 16.18
CA ARG C 214 -6.19 17.62 17.38
C ARG C 214 -7.47 18.46 17.31
N GLY C 215 -7.37 19.67 16.77
CA GLY C 215 -8.54 20.53 16.67
C GLY C 215 -9.64 19.92 15.80
N SER C 216 -9.26 19.32 14.67
CA SER C 216 -10.24 18.67 13.82
C SER C 216 -10.85 17.44 14.49
N GLN C 217 -10.09 16.78 15.36
CA GLN C 217 -10.62 15.63 16.08
C GLN C 217 -11.70 16.04 17.07
N LEU C 218 -11.63 17.26 17.59
CA LEU C 218 -12.64 17.80 18.49
C LEU C 218 -13.69 18.64 17.78
N GLU C 219 -13.33 19.26 16.65
CA GLU C 219 -14.29 20.09 15.93
C GLU C 219 -15.39 19.24 15.30
N LEU C 220 -15.02 18.16 14.64
CA LEU C 220 -15.99 17.25 14.04
C LEU C 220 -16.57 16.26 15.05
N HIS C 221 -16.24 16.38 16.33
CA HIS C 221 -16.75 15.50 17.38
C HIS C 221 -16.42 14.04 17.07
N GLN C 222 -15.16 13.79 16.73
CA GLN C 222 -14.71 12.44 16.40
C GLN C 222 -14.24 11.71 17.66
N LEU C 223 -14.73 10.50 17.84
CA LEU C 223 -14.27 9.63 18.90
C LEU C 223 -13.35 8.54 18.33
N SER C 224 -12.65 7.86 19.23
CA SER C 224 -11.81 6.75 18.81
C SER C 224 -12.67 5.53 18.52
N THR C 225 -12.20 4.70 17.58
CA THR C 225 -12.91 3.47 17.27
C THR C 225 -12.94 2.51 18.46
N ALA C 226 -12.07 2.72 19.45
CA ALA C 226 -12.13 1.92 20.67
C ALA C 226 -13.40 2.19 21.45
N PHE C 227 -13.94 3.40 21.37
CA PHE C 227 -15.18 3.77 22.07
C PHE C 227 -16.40 3.59 21.19
N MET C 228 -16.46 2.52 20.40
CA MET C 228 -17.58 2.27 19.52
C MET C 228 -18.74 1.67 20.30
N THR C 229 -19.92 2.26 20.15
CA THR C 229 -21.08 1.80 20.91
C THR C 229 -21.58 0.47 20.35
N GLN C 230 -22.59 -0.09 21.03
CA GLN C 230 -23.13 -1.38 20.62
C GLN C 230 -23.85 -1.30 19.27
N SER C 231 -24.67 -0.27 19.08
CA SER C 231 -25.40 -0.14 17.83
C SER C 231 -24.48 0.21 16.67
N ASP C 232 -23.45 1.01 16.93
CA ASP C 232 -22.52 1.39 15.86
C ASP C 232 -21.64 0.21 15.44
N GLN C 233 -21.39 -0.74 16.34
CA GLN C 233 -20.61 -1.91 15.98
C GLN C 233 -21.38 -2.81 15.03
N VAL C 234 -22.64 -3.11 15.36
CA VAL C 234 -23.44 -3.99 14.50
C VAL C 234 -23.76 -3.30 13.18
N ALA C 235 -24.06 -1.99 13.23
CA ALA C 235 -24.39 -1.27 12.01
C ALA C 235 -23.18 -1.17 11.08
N TYR C 236 -21.98 -1.08 11.63
CA TYR C 236 -20.79 -1.02 10.78
C TYR C 236 -20.51 -2.37 10.12
N LEU C 237 -20.89 -3.47 10.78
CA LEU C 237 -20.75 -4.78 10.15
C LEU C 237 -21.66 -4.92 8.95
N THR C 238 -22.89 -4.40 9.05
CA THR C 238 -23.81 -4.45 7.92
C THR C 238 -23.30 -3.57 6.78
N TYR C 239 -22.69 -2.43 7.10
CA TYR C 239 -22.11 -1.57 6.07
C TYR C 239 -21.10 -2.31 5.22
N LEU C 240 -20.37 -3.27 5.82
CA LEU C 240 -19.42 -4.07 5.05
C LEU C 240 -20.11 -5.16 4.25
N THR C 241 -21.17 -5.75 4.80
CA THR C 241 -21.84 -6.88 4.17
C THR C 241 -22.92 -6.45 3.18
N THR C 242 -23.48 -5.25 3.34
CA THR C 242 -24.58 -4.82 2.47
C THR C 242 -24.20 -4.75 1.00
N PRO C 243 -23.05 -4.19 0.59
CA PRO C 243 -22.73 -4.22 -0.84
C PRO C 243 -22.60 -5.62 -1.40
N SER C 244 -22.00 -6.54 -0.65
CA SER C 244 -21.92 -7.94 -1.06
C SER C 244 -23.18 -8.73 -0.74
N LEU C 245 -24.12 -8.13 -0.01
CA LEU C 245 -25.42 -8.78 0.25
C LEU C 245 -26.27 -8.92 -1.00
N ARG C 246 -25.75 -8.54 -2.17
CA ARG C 246 -26.45 -8.68 -3.44
C ARG C 246 -26.78 -10.15 -3.73
N MET D 15 -32.58 4.03 -10.26
CA MET D 15 -33.54 4.00 -11.35
C MET D 15 -33.46 5.26 -12.20
N THR D 16 -33.24 6.40 -11.54
CA THR D 16 -33.17 7.67 -12.25
C THR D 16 -31.98 7.69 -13.19
N GLU D 17 -32.26 7.88 -14.48
CA GLU D 17 -31.19 7.98 -15.46
C GLU D 17 -30.56 9.36 -15.43
N TYR D 18 -29.40 9.49 -16.06
CA TYR D 18 -28.58 10.69 -15.99
C TYR D 18 -28.37 11.25 -17.39
N ARG D 19 -28.96 12.42 -17.66
CA ARG D 19 -28.70 13.16 -18.88
C ARG D 19 -27.76 14.30 -18.54
N PRO D 20 -26.45 14.16 -18.78
CA PRO D 20 -25.52 15.24 -18.41
C PRO D 20 -25.75 16.53 -19.18
N VAL D 21 -26.45 16.48 -20.32
CA VAL D 21 -26.70 17.69 -21.10
C VAL D 21 -27.72 18.58 -20.38
N GLU D 22 -28.71 17.97 -19.73
CA GLU D 22 -29.72 18.76 -19.04
C GLU D 22 -29.14 19.48 -17.83
N ILE D 23 -28.33 18.79 -17.03
CA ILE D 23 -27.74 19.39 -15.85
C ILE D 23 -26.56 20.30 -16.19
N PHE D 24 -26.02 20.20 -17.41
CA PHE D 24 -24.82 20.93 -17.80
C PHE D 24 -24.92 22.44 -17.59
N PRO D 25 -25.92 23.15 -18.11
CA PRO D 25 -25.86 24.62 -17.99
C PRO D 25 -26.06 25.14 -16.58
N GLU D 26 -26.95 24.52 -15.80
CA GLU D 26 -27.17 24.97 -14.43
C GLU D 26 -26.01 24.59 -13.52
N VAL D 27 -25.29 23.51 -13.85
CA VAL D 27 -24.08 23.19 -13.10
C VAL D 27 -22.97 24.20 -13.42
N LEU D 28 -22.89 24.63 -14.68
CA LEU D 28 -21.98 25.70 -15.04
C LEU D 28 -22.30 26.98 -14.26
N SER D 29 -23.57 27.19 -13.94
CA SER D 29 -23.94 28.30 -13.07
C SER D 29 -23.60 28.03 -11.62
N ASP D 30 -23.57 26.76 -11.21
CA ASP D 30 -23.21 26.42 -9.84
C ASP D 30 -21.74 26.70 -9.57
N TRP D 31 -20.88 26.47 -10.56
CA TRP D 31 -19.45 26.74 -10.44
C TRP D 31 -19.22 28.25 -10.28
N PRO D 32 -18.77 28.70 -9.10
CA PRO D 32 -18.68 30.14 -8.86
C PRO D 32 -17.46 30.79 -9.49
N THR D 33 -16.39 30.02 -9.76
CA THR D 33 -15.17 30.58 -10.31
C THR D 33 -15.34 31.10 -11.73
N VAL D 34 -16.52 30.93 -12.33
CA VAL D 34 -16.74 31.31 -13.72
C VAL D 34 -16.66 32.83 -13.83
N ASN D 35 -15.61 33.32 -14.48
CA ASN D 35 -15.51 34.72 -14.86
C ASN D 35 -15.46 34.91 -16.37
N PHE D 36 -15.55 33.82 -17.13
CA PHE D 36 -15.54 33.89 -18.59
C PHE D 36 -16.96 34.10 -19.11
N ALA D 37 -17.05 34.41 -20.41
CA ALA D 37 -18.34 34.63 -21.05
C ALA D 37 -18.98 33.30 -21.41
N VAL D 38 -20.12 33.01 -20.82
CA VAL D 38 -20.79 31.73 -21.02
C VAL D 38 -21.92 31.89 -22.03
N THR D 39 -21.56 32.01 -23.31
CA THR D 39 -22.56 32.11 -24.35
C THR D 39 -23.24 30.76 -24.57
N ASP D 40 -24.28 30.76 -25.40
CA ASP D 40 -24.89 29.50 -25.81
C ASP D 40 -23.93 28.65 -26.63
N ASP D 41 -23.03 29.31 -27.38
CA ASP D 41 -22.00 28.59 -28.10
C ASP D 41 -21.05 27.87 -27.15
N VAL D 42 -20.86 28.41 -25.94
CA VAL D 42 -20.07 27.73 -24.93
C VAL D 42 -20.78 26.45 -24.47
N LEU D 43 -22.10 26.51 -24.35
CA LEU D 43 -22.86 25.32 -23.96
C LEU D 43 -22.78 24.25 -25.03
N GLU D 44 -23.04 24.62 -26.29
CA GLU D 44 -23.04 23.65 -27.38
C GLU D 44 -21.66 23.05 -27.60
N LEU D 45 -20.60 23.84 -27.39
CA LEU D 45 -19.25 23.30 -27.51
C LEU D 45 -18.97 22.28 -26.41
N GLY D 46 -19.41 22.57 -25.18
CA GLY D 46 -19.24 21.60 -24.11
C GLY D 46 -20.05 20.34 -24.32
N ILE D 47 -21.26 20.47 -24.86
CA ILE D 47 -22.05 19.30 -25.20
C ILE D 47 -21.39 18.53 -26.33
N PHE D 48 -20.80 19.24 -27.29
CA PHE D 48 -20.04 18.57 -28.34
C PHE D 48 -18.82 17.85 -27.78
N LEU D 49 -18.11 18.49 -26.85
CA LEU D 49 -16.97 17.82 -26.24
C LEU D 49 -17.40 16.78 -25.22
N GLY D 50 -18.61 16.93 -24.67
CA GLY D 50 -19.12 16.01 -23.66
C GLY D 50 -19.59 14.71 -24.27
N GLU D 51 -20.43 14.79 -25.30
CA GLU D 51 -20.91 13.59 -25.97
C GLU D 51 -19.81 12.84 -26.71
N ARG D 52 -18.69 13.52 -27.00
CA ARG D 52 -17.56 12.93 -27.72
C ARG D 52 -16.32 13.08 -26.86
N PRO D 53 -16.12 12.18 -25.89
CA PRO D 53 -14.91 12.27 -25.05
C PRO D 53 -13.61 12.06 -25.81
N GLU D 54 -13.66 11.55 -27.04
CA GLU D 54 -12.44 11.37 -27.82
C GLU D 54 -11.80 12.71 -28.15
N ALA D 55 -12.60 13.77 -28.30
CA ALA D 55 -12.07 15.10 -28.57
C ALA D 55 -11.83 15.90 -27.30
N LEU D 56 -12.58 15.63 -26.23
CA LEU D 56 -12.38 16.35 -24.98
C LEU D 56 -11.01 16.05 -24.38
N LYS D 57 -10.54 14.82 -24.53
CA LYS D 57 -9.24 14.44 -23.98
C LYS D 57 -8.09 14.95 -24.84
N GLY D 58 -8.25 14.91 -26.17
CA GLY D 58 -7.22 15.46 -27.04
C GLY D 58 -7.05 16.95 -26.89
N VAL D 59 -8.13 17.65 -26.53
CA VAL D 59 -8.04 19.08 -26.24
C VAL D 59 -7.21 19.33 -24.99
N TYR D 60 -7.39 18.48 -23.98
CA TYR D 60 -6.61 18.61 -22.75
C TYR D 60 -5.12 18.45 -23.02
N LYS D 61 -4.76 17.54 -23.93
CA LYS D 61 -3.35 17.35 -24.27
C LYS D 61 -2.80 18.55 -25.03
N LEU D 62 -3.65 19.30 -25.74
CA LEU D 62 -3.20 20.49 -26.45
C LEU D 62 -2.76 21.58 -25.49
N ILE D 63 -3.41 21.69 -24.33
CA ILE D 63 -3.09 22.72 -23.36
C ILE D 63 -1.96 22.28 -22.43
N LYS D 64 -2.00 21.02 -21.97
CA LYS D 64 -1.03 20.57 -20.98
C LYS D 64 0.36 20.40 -21.59
N LEU D 65 0.44 19.84 -22.79
CA LEU D 65 1.73 19.62 -23.45
C LEU D 65 2.15 20.77 -24.35
N LYS D 66 1.34 21.84 -24.42
CA LYS D 66 1.66 23.03 -25.22
C LYS D 66 1.93 22.64 -26.67
N GLN D 67 0.90 22.09 -27.30
CA GLN D 67 1.01 21.57 -28.65
C GLN D 67 0.68 22.66 -29.68
N LYS D 68 0.81 22.31 -30.96
CA LYS D 68 0.48 23.24 -32.03
C LYS D 68 -1.03 23.34 -32.22
N ASN D 69 -1.67 22.23 -32.61
CA ASN D 69 -3.10 22.21 -32.84
C ASN D 69 -3.62 20.79 -32.62
N TYR D 70 -4.94 20.65 -32.66
CA TYR D 70 -5.58 19.34 -32.52
C TYR D 70 -6.97 19.43 -33.15
N GLU D 71 -7.23 18.56 -34.12
CA GLU D 71 -8.53 18.51 -34.79
C GLU D 71 -9.17 17.14 -34.57
N TYR D 72 -10.49 17.13 -34.49
CA TYR D 72 -11.27 15.91 -34.27
C TYR D 72 -11.96 15.55 -35.59
N GLN D 73 -11.25 14.78 -36.42
CA GLN D 73 -11.83 14.33 -37.67
C GLN D 73 -12.95 13.33 -37.40
N SER D 74 -14.13 13.58 -37.97
CA SER D 74 -15.27 12.71 -37.80
C SER D 74 -15.98 12.55 -39.13
N PHE D 75 -16.58 11.37 -39.34
CA PHE D 75 -17.32 11.13 -40.57
C PHE D 75 -18.57 11.98 -40.66
N LEU D 76 -19.07 12.48 -39.54
CA LEU D 76 -20.21 13.39 -39.54
C LEU D 76 -19.84 14.80 -40.00
N GLY D 77 -18.58 15.05 -40.33
CA GLY D 77 -18.15 16.35 -40.81
C GLY D 77 -17.88 17.38 -39.75
N LEU D 78 -18.07 17.05 -38.47
CA LEU D 78 -17.83 17.98 -37.38
C LEU D 78 -16.36 17.99 -36.98
N SER D 79 -15.52 18.35 -37.94
CA SER D 79 -14.06 18.37 -37.74
C SER D 79 -13.64 19.73 -37.18
N ILE D 80 -13.95 19.92 -35.90
CA ILE D 80 -13.59 21.16 -35.21
C ILE D 80 -12.10 21.14 -34.92
N LEU D 81 -11.35 22.06 -35.52
CA LEU D 81 -9.92 22.17 -35.28
C LEU D 81 -9.67 23.12 -34.12
N PHE D 82 -8.90 22.65 -33.14
CA PHE D 82 -8.52 23.44 -31.98
C PHE D 82 -7.03 23.74 -32.07
N GLU D 83 -6.69 25.03 -32.19
CA GLU D 83 -5.30 25.46 -32.25
C GLU D 83 -5.06 26.51 -31.18
N ARG D 84 -3.90 26.43 -30.53
CA ARG D 84 -3.52 27.34 -29.46
C ARG D 84 -2.21 28.02 -29.81
N SER D 85 -2.15 29.33 -29.56
CA SER D 85 -0.98 30.13 -29.90
C SER D 85 0.10 29.97 -28.81
N ASP D 86 1.20 30.69 -28.99
CA ASP D 86 2.26 30.68 -27.99
C ASP D 86 1.83 31.38 -26.71
N ASP D 87 0.90 32.33 -26.81
CA ASP D 87 0.38 33.04 -25.65
C ASP D 87 -0.62 32.22 -24.85
N GLY D 88 -0.93 31.00 -25.28
CA GLY D 88 -1.94 30.20 -24.62
C GLY D 88 -3.34 30.67 -24.96
N GLN D 89 -3.61 30.85 -26.24
CA GLN D 89 -4.92 31.34 -26.71
C GLN D 89 -5.57 30.24 -27.54
N ILE D 90 -6.51 29.52 -26.94
CA ILE D 90 -7.25 28.49 -27.65
C ILE D 90 -8.10 29.13 -28.72
N LEU D 91 -7.88 28.75 -29.98
CA LEU D 91 -8.59 29.29 -31.12
C LEU D 91 -9.30 28.16 -31.85
N TYR D 92 -10.57 28.39 -32.20
CA TYR D 92 -11.36 27.41 -32.94
C TYR D 92 -12.50 28.14 -33.64
N THR D 93 -13.33 27.37 -34.33
CA THR D 93 -14.48 27.92 -35.05
C THR D 93 -15.65 26.97 -34.88
N PHE D 94 -16.70 27.45 -34.20
CA PHE D 94 -17.89 26.65 -33.94
C PHE D 94 -19.11 27.39 -34.44
N LYS D 95 -20.07 26.64 -35.01
CA LYS D 95 -21.26 27.20 -35.63
C LYS D 95 -20.91 28.25 -36.68
N GLU D 96 -19.86 27.95 -37.46
CA GLU D 96 -19.40 28.83 -38.53
C GLU D 96 -19.01 30.21 -38.02
N LYS D 97 -18.53 30.28 -36.78
CA LYS D 97 -18.13 31.54 -36.17
C LYS D 97 -16.84 31.32 -35.39
N GLU D 98 -15.94 32.30 -35.48
CA GLU D 98 -14.64 32.20 -34.84
C GLU D 98 -14.76 32.56 -33.36
N VAL D 99 -14.21 31.71 -32.49
CA VAL D 99 -14.22 31.91 -31.05
C VAL D 99 -12.79 31.79 -30.53
N ILE D 100 -12.45 32.66 -29.58
CA ILE D 100 -11.11 32.68 -28.99
C ILE D 100 -11.23 32.49 -27.48
N TRP D 101 -10.35 31.65 -26.92
CA TRP D 101 -10.32 31.38 -25.50
C TRP D 101 -8.89 31.49 -25.00
N GLU D 102 -8.75 31.65 -23.68
CA GLU D 102 -7.46 31.71 -23.02
C GLU D 102 -7.10 30.36 -22.43
N GLU D 103 -5.81 30.18 -22.14
CA GLU D 103 -5.31 28.88 -21.70
C GLU D 103 -5.91 28.49 -20.34
N GLU D 104 -5.70 29.32 -19.32
CA GLU D 104 -6.19 28.99 -17.99
C GLU D 104 -7.71 29.03 -17.90
N GLU D 105 -8.37 29.75 -18.80
CA GLU D 105 -9.83 29.72 -18.83
C GLU D 105 -10.35 28.47 -19.54
N PHE D 106 -9.68 28.05 -20.60
CA PHE D 106 -10.08 26.82 -21.29
C PHE D 106 -9.73 25.58 -20.48
N LEU D 107 -8.78 25.68 -19.56
CA LEU D 107 -8.49 24.55 -18.67
C LEU D 107 -9.64 24.31 -17.70
N LEU D 108 -10.17 25.39 -17.11
CA LEU D 108 -11.34 25.26 -16.25
C LEU D 108 -12.61 25.01 -17.04
N PHE D 109 -12.60 25.27 -18.35
CA PHE D 109 -13.78 25.01 -19.17
C PHE D 109 -13.99 23.51 -19.35
N ILE D 110 -12.95 22.78 -19.73
CA ILE D 110 -13.06 21.34 -19.89
C ILE D 110 -13.14 20.63 -18.55
N GLY D 111 -12.79 21.31 -17.46
CA GLY D 111 -12.89 20.69 -16.15
C GLY D 111 -14.33 20.44 -15.74
N VAL D 112 -15.22 21.39 -16.02
CA VAL D 112 -16.63 21.19 -15.72
C VAL D 112 -17.24 20.15 -16.66
N ILE D 113 -16.74 20.08 -17.90
CA ILE D 113 -17.24 19.07 -18.83
C ILE D 113 -16.90 17.67 -18.33
N ASP D 114 -15.69 17.48 -17.82
CA ASP D 114 -15.30 16.18 -17.30
C ASP D 114 -16.03 15.84 -16.01
N ALA D 115 -16.40 16.85 -15.22
CA ALA D 115 -17.14 16.59 -14.00
C ALA D 115 -18.60 16.22 -14.27
N VAL D 116 -19.12 16.60 -15.42
CA VAL D 116 -20.52 16.32 -15.78
C VAL D 116 -20.62 15.11 -16.70
N PHE D 117 -19.74 15.02 -17.70
CA PHE D 117 -19.74 13.93 -18.67
C PHE D 117 -18.74 12.84 -18.31
N GLY D 118 -18.25 12.81 -17.08
CA GLY D 118 -17.23 11.84 -16.72
C GLY D 118 -17.80 10.45 -16.50
N GLU D 119 -16.99 9.45 -16.85
CA GLU D 119 -17.37 8.06 -16.68
C GLU D 119 -16.92 7.55 -15.32
N LEU D 120 -17.71 6.66 -14.74
CA LEU D 120 -17.42 6.06 -13.43
C LEU D 120 -17.21 4.56 -13.64
N TYR D 121 -15.99 4.10 -13.42
CA TYR D 121 -15.65 2.69 -13.59
C TYR D 121 -15.54 2.00 -12.24
N PRO D 122 -16.06 0.79 -12.12
CA PRO D 122 -16.02 0.08 -10.84
C PRO D 122 -14.59 -0.30 -10.46
N ILE D 123 -14.44 -0.80 -9.24
CA ILE D 123 -13.14 -1.26 -8.77
C ILE D 123 -12.74 -2.50 -9.56
N GLY D 124 -11.46 -2.57 -9.91
CA GLY D 124 -10.95 -3.66 -10.73
C GLY D 124 -11.05 -3.43 -12.22
N THR D 125 -11.39 -2.22 -12.66
CA THR D 125 -11.52 -1.92 -14.07
C THR D 125 -10.13 -1.70 -14.67
N VAL D 126 -9.71 -2.62 -15.53
CA VAL D 126 -8.40 -2.53 -16.18
C VAL D 126 -8.53 -1.59 -17.37
N VAL D 127 -7.74 -0.51 -17.36
CA VAL D 127 -7.78 0.50 -18.41
C VAL D 127 -6.38 0.72 -18.94
N GLU D 128 -6.30 1.46 -20.05
CA GLU D 128 -5.03 1.87 -20.64
C GLU D 128 -4.80 3.35 -20.38
N LEU D 129 -3.53 3.73 -20.25
CA LEU D 129 -3.16 5.10 -19.94
C LEU D 129 -2.31 5.69 -21.06
N ASP D 130 -2.36 7.01 -21.19
CA ASP D 130 -1.59 7.72 -22.19
C ASP D 130 -0.19 7.99 -21.64
N LEU D 131 0.81 7.34 -22.23
CA LEU D 131 2.20 7.51 -21.79
C LEU D 131 2.80 8.85 -22.21
N GLU D 132 2.12 9.61 -23.07
CA GLU D 132 2.67 10.87 -23.55
C GLU D 132 2.56 11.98 -22.51
N LEU D 133 1.41 12.07 -21.83
CA LEU D 133 1.20 13.14 -20.87
C LEU D 133 2.15 13.03 -19.68
N LEU D 134 2.49 11.80 -19.28
CA LEU D 134 3.25 11.58 -18.06
C LEU D 134 4.66 12.15 -18.18
N ASP D 135 5.46 11.58 -19.08
CA ASP D 135 6.85 11.99 -19.22
C ASP D 135 7.28 11.75 -20.66
N ALA D 136 8.58 11.90 -20.91
CA ALA D 136 9.16 11.64 -22.22
C ALA D 136 9.45 10.15 -22.30
N SER D 137 8.46 9.38 -22.75
CA SER D 137 8.58 7.94 -22.90
C SER D 137 9.07 7.55 -24.29
N LEU D 138 10.02 8.31 -24.84
CA LEU D 138 10.54 8.02 -26.17
C LEU D 138 11.25 6.67 -26.23
N GLN D 139 11.64 6.12 -25.08
CA GLN D 139 12.18 4.76 -25.06
C GLN D 139 11.18 3.77 -25.62
N THR D 140 9.91 3.88 -25.21
CA THR D 140 8.87 3.06 -25.80
C THR D 140 8.56 3.52 -27.21
N MET D 141 8.55 4.83 -27.45
CA MET D 141 8.31 5.45 -28.75
C MET D 141 6.95 5.07 -29.33
N LEU D 142 6.03 4.62 -28.46
CA LEU D 142 4.65 4.35 -28.85
C LEU D 142 3.62 5.09 -28.01
N GLY D 143 3.95 5.51 -26.80
CA GLY D 143 3.02 6.28 -25.99
C GLY D 143 1.80 5.49 -25.51
N PRO D 146 0.61 -1.78 -26.53
CA PRO D 146 0.98 -2.66 -25.42
C PRO D 146 1.67 -1.91 -24.29
N GLY D 147 1.04 -0.84 -23.82
CA GLY D 147 1.65 -0.02 -22.79
C GLY D 147 0.62 0.56 -21.84
N ALA D 148 1.06 0.73 -20.59
CA ALA D 148 0.30 1.44 -19.55
C ALA D 148 -1.07 0.79 -19.33
N LEU D 149 -1.05 -0.50 -19.00
CA LEU D 149 -2.25 -1.21 -18.56
C LEU D 149 -2.32 -1.12 -17.04
N VAL D 150 -3.31 -0.39 -16.54
CA VAL D 150 -3.43 -0.07 -15.12
C VAL D 150 -4.84 -0.44 -14.67
N MET D 151 -4.93 -1.19 -13.58
CA MET D 151 -6.21 -1.53 -12.98
C MET D 151 -6.54 -0.54 -11.88
N LEU D 152 -7.80 -0.11 -11.86
CA LEU D 152 -8.25 0.91 -10.90
C LEU D 152 -8.62 0.24 -9.59
N ALA D 153 -7.79 0.43 -8.57
CA ALA D 153 -8.05 -0.10 -7.23
C ALA D 153 -8.84 0.85 -6.36
N GLY D 154 -8.86 2.15 -6.69
CA GLY D 154 -9.62 3.12 -5.93
C GLY D 154 -10.16 4.19 -6.84
N ARG D 155 -11.18 4.89 -6.35
CA ARG D 155 -11.86 5.92 -7.12
C ARG D 155 -12.20 7.10 -6.22
N ARG D 156 -12.26 8.28 -6.84
CA ARG D 156 -12.64 9.53 -6.19
C ARG D 156 -11.92 9.73 -4.86
N LEU D 157 -10.62 9.95 -4.96
CA LEU D 157 -9.82 10.25 -3.78
C LEU D 157 -9.81 11.75 -3.54
N PRO D 158 -10.26 12.23 -2.37
CA PRO D 158 -10.18 13.66 -2.08
C PRO D 158 -8.72 14.10 -2.04
N LEU D 159 -8.45 15.25 -2.67
CA LEU D 159 -7.07 15.73 -2.80
C LEU D 159 -6.44 15.96 -1.45
N ALA D 160 -6.87 17.00 -0.73
CA ALA D 160 -6.37 17.30 0.60
C ALA D 160 -7.20 18.43 1.18
N LYS D 161 -6.93 18.74 2.44
CA LYS D 161 -7.54 19.88 3.10
C LYS D 161 -7.12 21.16 2.39
N ASP D 162 -8.03 22.13 2.36
CA ASP D 162 -7.87 23.41 1.65
C ASP D 162 -7.64 23.22 0.16
N PHE D 163 -7.73 21.99 -0.34
CA PHE D 163 -7.58 21.69 -1.76
C PHE D 163 -8.77 20.90 -2.29
N GLU D 164 -9.94 21.08 -1.66
CA GLU D 164 -11.14 20.37 -2.08
C GLU D 164 -11.63 20.78 -3.46
N ALA D 165 -11.08 21.85 -4.03
CA ALA D 165 -11.45 22.22 -5.40
C ALA D 165 -11.02 21.17 -6.41
N TYR D 166 -10.04 20.35 -6.08
CA TYR D 166 -9.58 19.27 -6.95
C TYR D 166 -9.65 17.96 -6.18
N GLU D 167 -9.47 16.85 -6.91
CA GLU D 167 -9.50 15.52 -6.31
C GLU D 167 -8.88 14.53 -7.28
N ILE D 168 -8.48 13.38 -6.75
CA ILE D 168 -7.88 12.32 -7.55
C ILE D 168 -8.98 11.41 -8.07
N ASP D 169 -9.06 11.27 -9.39
CA ASP D 169 -10.13 10.48 -9.99
C ASP D 169 -10.01 9.01 -9.61
N TYR D 170 -8.85 8.40 -9.85
CA TYR D 170 -8.67 6.97 -9.61
C TYR D 170 -7.30 6.72 -9.01
N PHE D 171 -7.23 5.66 -8.21
CA PHE D 171 -5.98 5.19 -7.60
C PHE D 171 -5.87 3.70 -7.83
N GLY D 172 -4.86 3.28 -8.57
CA GLY D 172 -4.71 1.86 -8.90
C GLY D 172 -3.26 1.48 -9.11
N ARG D 173 -3.06 0.19 -9.34
CA ARG D 173 -1.74 -0.39 -9.57
C ARG D 173 -1.59 -0.77 -11.04
N VAL D 174 -0.36 -1.11 -11.41
CA VAL D 174 -0.06 -1.51 -12.78
C VAL D 174 -0.50 -2.96 -12.98
N TRP D 175 -1.25 -3.20 -14.05
CA TRP D 175 -1.78 -4.51 -14.44
C TRP D 175 -0.81 -5.22 -15.37
N PRO D 176 -0.64 -6.54 -15.24
CA PRO D 176 -1.27 -7.46 -14.27
C PRO D 176 -0.39 -7.72 -13.06
N PHE D 177 0.30 -6.70 -12.54
CA PHE D 177 1.18 -6.88 -11.40
C PHE D 177 0.43 -6.77 -10.08
N GLY D 178 -0.53 -5.86 -9.98
CA GLY D 178 -1.28 -5.71 -8.75
C GLY D 178 -0.52 -4.92 -7.69
N GLU D 179 -0.90 -5.14 -6.43
CA GLU D 179 -0.26 -4.47 -5.31
C GLU D 179 1.08 -5.14 -5.01
N VAL D 180 2.01 -4.99 -5.95
CA VAL D 180 3.31 -5.63 -5.83
C VAL D 180 4.14 -4.98 -4.74
N ALA D 181 3.94 -3.68 -4.50
CA ALA D 181 4.68 -2.91 -3.50
C ALA D 181 6.16 -2.79 -3.89
N ASN D 182 6.53 -3.32 -5.04
CA ASN D 182 7.84 -3.04 -5.64
C ASN D 182 7.75 -2.10 -6.83
N ILE D 183 6.55 -1.78 -7.28
CA ILE D 183 6.30 -0.80 -8.33
C ILE D 183 5.31 0.22 -7.79
N PRO D 184 5.60 1.53 -7.88
CA PRO D 184 4.77 2.51 -7.20
C PRO D 184 3.40 2.64 -7.87
N PRO D 185 2.37 2.99 -7.12
CA PRO D 185 1.03 3.10 -7.70
C PRO D 185 0.91 4.30 -8.63
N VAL D 186 -0.20 4.32 -9.37
CA VAL D 186 -0.46 5.35 -10.36
C VAL D 186 -1.76 6.05 -10.01
N PHE D 187 -1.71 7.37 -9.93
CA PHE D 187 -2.90 8.19 -9.70
C PHE D 187 -3.47 8.55 -11.07
N VAL D 188 -4.56 7.90 -11.45
CA VAL D 188 -5.13 8.01 -12.79
C VAL D 188 -6.28 9.00 -12.77
N SER D 189 -6.32 9.86 -13.78
CA SER D 189 -7.43 10.79 -14.00
C SER D 189 -8.18 10.39 -15.27
N ASN D 190 -9.39 10.96 -15.42
CA ASN D 190 -10.18 10.67 -16.61
C ASN D 190 -9.53 11.22 -17.87
N MET D 191 -8.73 12.28 -17.75
CA MET D 191 -7.99 12.82 -18.87
C MET D 191 -6.75 12.00 -19.23
N LEU D 192 -6.52 10.90 -18.52
CA LEU D 192 -5.36 10.04 -18.77
C LEU D 192 -5.73 8.64 -19.23
N ILE D 193 -6.96 8.18 -18.98
CA ILE D 193 -7.38 6.84 -19.39
C ILE D 193 -7.40 6.78 -20.91
N LYS D 194 -6.52 5.95 -21.47
CA LYS D 194 -6.40 5.88 -22.93
C LYS D 194 -7.50 5.03 -23.55
N ASN D 195 -7.74 3.85 -23.02
CA ASN D 195 -8.74 2.95 -23.56
C ASN D 195 -9.14 1.93 -22.50
N VAL D 196 -10.44 1.68 -22.38
CA VAL D 196 -10.94 0.71 -21.42
C VAL D 196 -10.84 -0.68 -22.01
N ILE D 197 -10.30 -1.62 -21.23
CA ILE D 197 -10.08 -2.99 -21.68
C ILE D 197 -10.98 -3.98 -20.96
N HIS D 198 -10.98 -3.93 -19.62
CA HIS D 198 -11.79 -4.82 -18.81
C HIS D 198 -12.67 -4.01 -17.87
N MET D 199 -13.85 -4.54 -17.57
CA MET D 199 -14.83 -3.89 -16.72
C MET D 199 -14.96 -4.65 -15.40
N GLY D 200 -15.16 -3.91 -14.32
CA GLY D 200 -15.31 -4.51 -13.00
C GLY D 200 -16.71 -5.02 -12.77
N LEU D 201 -16.95 -5.44 -11.53
CA LEU D 201 -18.25 -5.97 -11.16
C LEU D 201 -19.26 -4.84 -11.02
N GLU D 202 -20.45 -5.04 -11.58
CA GLU D 202 -21.54 -4.08 -11.52
C GLU D 202 -22.80 -4.75 -11.03
N ASN D 203 -23.45 -4.14 -10.05
CA ASN D 203 -24.73 -4.64 -9.53
C ASN D 203 -25.59 -3.42 -9.21
N GLU D 204 -26.64 -3.63 -8.41
CA GLU D 204 -27.48 -2.50 -8.01
C GLU D 204 -26.72 -1.54 -7.11
N TRP D 205 -25.85 -2.06 -6.24
CA TRP D 205 -25.06 -1.20 -5.36
C TRP D 205 -24.11 -0.33 -6.17
N GLU D 206 -23.46 -0.91 -7.18
CA GLU D 206 -22.52 -0.14 -7.99
C GLU D 206 -23.23 0.98 -8.74
N ASP D 207 -24.37 0.68 -9.36
CA ASP D 207 -25.15 1.72 -10.02
C ASP D 207 -25.72 2.71 -9.01
N GLN D 208 -26.01 2.26 -7.79
CA GLN D 208 -26.40 3.20 -6.73
C GLN D 208 -25.23 4.09 -6.34
N MET D 209 -24.02 3.53 -6.34
CA MET D 209 -22.85 4.34 -6.01
C MET D 209 -22.51 5.30 -7.14
N LYS D 210 -22.67 4.85 -8.39
CA LYS D 210 -22.44 5.74 -9.53
C LYS D 210 -23.40 6.92 -9.52
N GLU D 211 -24.62 6.72 -9.05
CA GLU D 211 -25.61 7.79 -9.09
C GLU D 211 -25.36 8.83 -8.00
N VAL D 212 -24.87 8.39 -6.84
CA VAL D 212 -24.62 9.31 -5.74
C VAL D 212 -23.22 9.93 -5.80
N LEU D 213 -22.26 9.28 -6.47
CA LEU D 213 -20.89 9.78 -6.50
C LEU D 213 -20.74 10.92 -7.49
N ARG D 214 -21.27 10.77 -8.70
CA ARG D 214 -21.16 11.84 -9.68
C ARG D 214 -21.93 13.08 -9.28
N GLY D 215 -22.93 12.95 -8.41
CA GLY D 215 -23.64 14.12 -7.89
C GLY D 215 -22.96 14.79 -6.73
N SER D 216 -22.05 14.09 -6.06
CA SER D 216 -21.32 14.69 -4.94
C SER D 216 -20.17 15.57 -5.42
N GLN D 217 -19.50 15.16 -6.51
CA GLN D 217 -18.44 15.99 -7.07
C GLN D 217 -19.01 17.29 -7.63
N LEU D 218 -20.17 17.22 -8.27
CA LEU D 218 -20.84 18.45 -8.73
C LEU D 218 -21.37 19.26 -7.56
N GLU D 219 -21.71 18.59 -6.45
CA GLU D 219 -22.21 19.31 -5.27
C GLU D 219 -21.09 20.10 -4.60
N LEU D 220 -19.96 19.44 -4.34
CA LEU D 220 -18.82 20.09 -3.69
C LEU D 220 -17.99 20.93 -4.65
N HIS D 221 -18.38 21.02 -5.92
CA HIS D 221 -17.66 21.79 -6.93
C HIS D 221 -16.20 21.33 -7.05
N GLN D 222 -16.02 20.02 -7.10
CA GLN D 222 -14.68 19.43 -7.19
C GLN D 222 -14.27 19.22 -8.64
N LEU D 223 -12.97 19.36 -8.88
CA LEU D 223 -12.36 19.08 -10.17
C LEU D 223 -11.40 17.91 -10.01
N SER D 224 -10.71 17.58 -11.09
CA SER D 224 -9.71 16.52 -11.08
C SER D 224 -8.31 17.11 -10.95
N THR D 225 -7.37 16.27 -10.54
CA THR D 225 -5.97 16.68 -10.46
C THR D 225 -5.38 17.00 -11.82
N ALA D 226 -6.04 16.59 -12.91
CA ALA D 226 -5.57 16.94 -14.24
C ALA D 226 -5.75 18.43 -14.53
N PHE D 227 -6.81 19.03 -14.01
CA PHE D 227 -7.08 20.45 -14.19
C PHE D 227 -6.42 21.31 -13.10
N MET D 228 -5.36 20.81 -12.48
CA MET D 228 -4.69 21.52 -11.40
C MET D 228 -4.01 22.77 -11.94
N THR D 229 -4.51 23.93 -11.55
CA THR D 229 -3.88 25.18 -11.94
C THR D 229 -2.51 25.30 -11.29
N GLN D 230 -1.61 26.03 -11.97
CA GLN D 230 -0.24 26.14 -11.48
C GLN D 230 -0.17 26.80 -10.12
N SER D 231 -1.03 27.80 -9.88
CA SER D 231 -1.04 28.47 -8.59
C SER D 231 -1.43 27.50 -7.47
N ASP D 232 -2.44 26.66 -7.72
CA ASP D 232 -2.83 25.67 -6.73
C ASP D 232 -1.89 24.46 -6.74
N GLN D 233 -1.28 24.16 -7.89
CA GLN D 233 -0.29 23.09 -7.94
C GLN D 233 0.93 23.42 -7.09
N VAL D 234 1.41 24.66 -7.19
CA VAL D 234 2.49 25.10 -6.32
C VAL D 234 2.01 25.19 -4.87
N ALA D 235 0.76 25.61 -4.68
CA ALA D 235 0.20 25.66 -3.33
C ALA D 235 0.16 24.27 -2.70
N TYR D 236 -0.03 23.23 -3.50
CA TYR D 236 0.02 21.87 -2.97
C TYR D 236 1.47 21.47 -2.67
N LEU D 237 2.43 21.95 -3.47
CA LEU D 237 3.83 21.69 -3.18
C LEU D 237 4.27 22.37 -1.89
N THR D 238 3.72 23.55 -1.60
CA THR D 238 4.04 24.22 -0.34
C THR D 238 3.47 23.46 0.85
N TYR D 239 2.29 22.87 0.69
CA TYR D 239 1.71 22.09 1.77
C TYR D 239 2.49 20.80 2.03
N LEU D 240 3.09 20.24 0.99
CA LEU D 240 3.88 19.02 1.16
C LEU D 240 5.30 19.29 1.64
N THR D 241 5.80 20.51 1.46
CA THR D 241 7.17 20.86 1.83
C THR D 241 7.22 21.86 2.97
N THR D 242 6.66 23.05 2.78
CA THR D 242 6.72 24.08 3.81
C THR D 242 5.82 23.69 4.99
N PRO D 243 6.31 23.74 6.22
CA PRO D 243 5.46 23.43 7.38
C PRO D 243 4.36 24.45 7.55
N SER D 244 3.12 23.97 7.58
CA SER D 244 1.93 24.82 7.71
C SER D 244 1.89 25.91 6.64
CL CL E . 10.36 6.99 -6.60
#